data_7JLK
#
_entry.id   7JLK
#
_cell.length_a   70.019
_cell.length_b   85.244
_cell.length_c   113.636
_cell.angle_alpha   90.000
_cell.angle_beta   99.733
_cell.angle_gamma   90.000
#
_symmetry.space_group_name_H-M   'C 1 2 1'
#
loop_
_entity.id
_entity.type
_entity.pdbx_description
1 polymer 'iv1 Heavy Chain'
2 polymer 'glVRC01 Heavy Chain'
3 polymer 'glVRC01 Light Chain'
4 polymer 'iv1 Light Chain'
5 non-polymer 'SODIUM ION'
6 non-polymer 'CHLORIDE ION'
7 non-polymer DI(HYDROXYETHYL)ETHER
8 non-polymer 1,2-ETHANEDIOL
9 water water
#
loop_
_entity_poly.entity_id
_entity_poly.type
_entity_poly.pdbx_seq_one_letter_code
_entity_poly.pdbx_strand_id
1 'polypeptide(L)'
;QIQLVQSGPELKKPGETVKISCKASGYTFTNYEINWVQQAPGKGLKLMGWINTYTGEPTSADDFKGRFAFSLETSASTAY
LQINNLKNEDAATYFCARGDYYGSSSAWLPYWGQGTLVTVSAGSGSGHHHHHH
;
H
2 'polypeptide(L)'
;QVQLVQSGAEVKKPGASVKVSCKASGYTFTGYYMHWVRQAPGQGLEWMGWINPNSGGTNYAQKFQGRVTMTRDTSISTAY
MELSRLRSDDTAVYYCARGKNSDYNWDFQHWGQGTLVTVSSASTKGPSVFPLAPSSKSTSGGTAALGCLVKDYFPEPVTV
SWNSGALTSGVHTFPAVLQSSGLYSLSSVVTVPSSSLGTQTYICNVNHKPSNTKVDKRVEPKSCDKTHHHHHH
;
A
3 'polypeptide(L)'
;EIVLTQSPATLSLSPGERATLSCRASQSVSSYLAWYQQKPGQAPRLLIYDASNRATGIPARFSGSGSGTDFTLTISSLEP
EDFAVYYCQQYEFFGQGTKLEIKRTVAAPSVFIFPPSDEQLKSGTASVVCLLNNFYPREAKVQWKVDNALQSGNSQESVT
EQDSKDSTYSLSSTLTLSKADYEKHKVYACEVTHQGLSSPVTKSFNRGEC
;
B
4 'polypeptide(L)'
;DIVMTQSQKFMSTSVGDRVSITCKASQNVRTAVAWYQQKPGQSPKALIFLASNRHTGVPDRFTGSGSGTDFTLTISNVQS
EDLADYFCLQHWNYPLTFGGGTKLEIKGGGGSGGGGSGGGGS
;
L
#
loop_
_chem_comp.id
_chem_comp.type
_chem_comp.name
_chem_comp.formula
CL non-polymer 'CHLORIDE ION' 'Cl -1'
EDO non-polymer 1,2-ETHANEDIOL 'C2 H6 O2'
NA non-polymer 'SODIUM ION' 'Na 1'
PEG non-polymer DI(HYDROXYETHYL)ETHER 'C4 H10 O3'
#
# COMPACT_ATOMS: atom_id res chain seq x y z
N GLN A 1 -13.14 -7.70 24.07
CA GLN A 1 -14.01 -8.73 23.43
C GLN A 1 -13.28 -10.06 23.29
N ILE A 2 -11.95 -10.01 23.19
CA ILE A 2 -11.16 -11.17 22.81
C ILE A 2 -10.96 -12.07 24.02
N GLN A 3 -11.30 -13.35 23.87
CA GLN A 3 -11.20 -14.31 24.96
C GLN A 3 -10.81 -15.67 24.40
N LEU A 4 -9.89 -16.34 25.08
CA LEU A 4 -9.50 -17.71 24.77
C LEU A 4 -9.70 -18.54 26.04
N VAL A 5 -10.63 -19.49 25.99
CA VAL A 5 -10.99 -20.31 27.14
C VAL A 5 -10.56 -21.75 26.85
N GLN A 6 -9.82 -22.33 27.78
CA GLN A 6 -9.29 -23.68 27.64
C GLN A 6 -10.04 -24.65 28.56
N SER A 7 -9.92 -25.93 28.24
CA SER A 7 -10.51 -26.98 29.05
C SER A 7 -9.81 -27.04 30.42
N GLY A 8 -10.41 -27.81 31.33
CA GLY A 8 -9.95 -27.86 32.70
C GLY A 8 -8.75 -28.75 32.89
N PRO A 9 -8.24 -28.78 34.13
CA PRO A 9 -7.06 -29.58 34.43
C PRO A 9 -7.28 -31.06 34.14
N GLU A 10 -6.20 -31.74 33.78
CA GLU A 10 -6.24 -33.14 33.36
C GLU A 10 -5.33 -33.96 34.25
N LEU A 11 -5.88 -35.02 34.84
CA LEU A 11 -5.13 -35.98 35.64
C LEU A 11 -5.04 -37.26 34.84
N LYS A 12 -3.84 -37.59 34.36
CA LYS A 12 -3.63 -38.72 33.46
C LYS A 12 -2.46 -39.55 33.96
N LYS A 13 -2.37 -40.78 33.45
CA LYS A 13 -1.29 -41.69 33.76
C LYS A 13 -0.34 -41.81 32.57
N PRO A 14 0.92 -42.19 32.80
CA PRO A 14 1.86 -42.32 31.68
C PRO A 14 1.32 -43.30 30.63
N GLY A 15 1.42 -42.90 29.37
CA GLY A 15 0.98 -43.70 28.26
C GLY A 15 -0.40 -43.37 27.74
N GLU A 16 -1.22 -42.70 28.55
CA GLU A 16 -2.56 -42.32 28.14
C GLU A 16 -2.50 -41.13 27.17
N THR A 17 -3.67 -40.69 26.73
CA THR A 17 -3.80 -39.57 25.82
C THR A 17 -4.69 -38.50 26.44
N VAL A 18 -4.41 -37.24 26.10
CA VAL A 18 -5.17 -36.10 26.62
C VAL A 18 -5.39 -35.12 25.48
N LYS A 19 -6.58 -34.54 25.43
CA LYS A 19 -6.96 -33.60 24.38
C LYS A 19 -7.45 -32.31 25.04
N ILE A 20 -6.71 -31.22 24.83
CA ILE A 20 -7.01 -29.93 25.42
C ILE A 20 -7.66 -29.05 24.37
N SER A 21 -8.70 -28.31 24.78
CA SER A 21 -9.44 -27.44 23.87
C SER A 21 -9.12 -25.98 24.17
N CYS A 22 -9.32 -25.15 23.15
CA CYS A 22 -9.08 -23.71 23.25
C CYS A 22 -10.19 -23.02 22.46
N LYS A 23 -11.18 -22.49 23.17
CA LYS A 23 -12.32 -21.86 22.55
C LYS A 23 -12.08 -20.36 22.41
N ALA A 24 -12.21 -19.85 21.18
CA ALA A 24 -11.99 -18.45 20.87
C ALA A 24 -13.31 -17.75 20.60
N SER A 25 -13.35 -16.46 20.95
CA SER A 25 -14.52 -15.65 20.71
C SER A 25 -14.11 -14.18 20.76
N GLY A 26 -14.97 -13.33 20.20
CA GLY A 26 -14.74 -11.90 20.20
C GLY A 26 -14.01 -11.37 18.99
N TYR A 27 -13.78 -12.20 17.98
CA TYR A 27 -13.08 -11.76 16.78
C TYR A 27 -13.25 -12.82 15.70
N THR A 28 -12.89 -12.45 14.48
CA THR A 28 -12.96 -13.38 13.35
C THR A 28 -11.92 -14.49 13.54
N PHE A 29 -12.39 -15.70 13.82
CA PHE A 29 -11.51 -16.78 14.24
C PHE A 29 -10.44 -17.06 13.19
N THR A 30 -10.84 -17.14 11.92
CA THR A 30 -9.90 -17.54 10.86
C THR A 30 -8.88 -16.45 10.53
N ASN A 31 -8.99 -15.26 11.14
CA ASN A 31 -8.04 -14.19 10.85
C ASN A 31 -6.71 -14.35 11.56
N TYR A 32 -6.63 -15.20 12.57
CA TYR A 32 -5.44 -15.29 13.40
C TYR A 32 -5.07 -16.74 13.67
N GLU A 33 -3.78 -17.03 13.64
CA GLU A 33 -3.29 -18.35 14.00
C GLU A 33 -3.39 -18.56 15.50
N ILE A 34 -3.55 -19.81 15.90
CA ILE A 34 -3.48 -20.20 17.31
C ILE A 34 -2.14 -20.85 17.54
N ASN A 35 -1.44 -20.39 18.57
CA ASN A 35 -0.16 -20.97 18.99
C ASN A 35 -0.34 -21.70 20.32
N TRP A 36 0.45 -22.74 20.51
CA TRP A 36 0.43 -23.54 21.73
C TRP A 36 1.80 -23.46 22.40
N VAL A 37 1.80 -23.14 23.69
CA VAL A 37 3.01 -22.96 24.46
C VAL A 37 2.98 -23.91 25.66
N GLN A 38 4.12 -24.54 25.93
CA GLN A 38 4.30 -25.41 27.09
C GLN A 38 5.11 -24.68 28.16
N GLN A 39 4.64 -24.73 29.40
CA GLN A 39 5.35 -24.19 30.55
C GLN A 39 5.59 -25.34 31.53
N ALA A 40 6.67 -26.09 31.30
CA ALA A 40 7.00 -27.20 32.18
C ALA A 40 7.96 -26.76 33.27
N PRO A 41 7.89 -27.38 34.45
CA PRO A 41 8.78 -26.96 35.55
C PRO A 41 10.26 -27.03 35.15
N GLY A 42 10.97 -25.93 35.36
CA GLY A 42 12.39 -25.87 35.11
C GLY A 42 12.79 -25.71 33.66
N LYS A 43 11.85 -25.80 32.72
CA LYS A 43 12.15 -25.72 31.30
C LYS A 43 11.77 -24.39 30.67
N GLY A 44 11.02 -23.54 31.36
CA GLY A 44 10.59 -22.28 30.78
C GLY A 44 9.54 -22.49 29.71
N LEU A 45 9.19 -21.37 29.07
CA LEU A 45 8.14 -21.38 28.05
C LEU A 45 8.71 -21.82 26.71
N LYS A 46 8.00 -22.75 26.06
CA LYS A 46 8.43 -23.30 24.78
C LYS A 46 7.26 -23.30 23.80
N LEU A 47 7.48 -22.78 22.61
CA LEU A 47 6.48 -22.87 21.55
C LEU A 47 6.41 -24.31 21.04
N MET A 48 5.24 -24.93 21.15
CA MET A 48 5.07 -26.31 20.71
C MET A 48 4.70 -26.39 19.24
N GLY A 49 3.86 -25.47 18.78
CA GLY A 49 3.38 -25.50 17.42
C GLY A 49 2.26 -24.50 17.25
N TRP A 50 1.79 -24.39 16.02
CA TRP A 50 0.75 -23.43 15.68
C TRP A 50 -0.06 -23.99 14.53
N ILE A 51 -1.26 -23.44 14.35
CA ILE A 51 -2.20 -23.95 13.37
C ILE A 51 -2.81 -22.79 12.60
N ASN A 52 -2.89 -22.95 11.27
CA ASN A 52 -3.63 -22.02 10.43
C ASN A 52 -5.11 -22.25 10.64
N THR A 53 -5.78 -21.30 11.31
CA THR A 53 -7.20 -21.45 11.59
C THR A 53 -8.06 -21.33 10.33
N TYR A 54 -7.50 -20.80 9.23
CA TYR A 54 -8.27 -20.65 8.00
C TYR A 54 -8.29 -21.93 7.19
N THR A 55 -7.16 -22.63 7.11
CA THR A 55 -7.06 -23.89 6.38
C THR A 55 -7.02 -25.12 7.28
N GLY A 56 -6.71 -24.95 8.57
CA GLY A 56 -6.59 -26.06 9.48
C GLY A 56 -5.25 -26.76 9.46
N GLU A 57 -4.29 -26.29 8.65
CA GLU A 57 -3.01 -26.96 8.53
C GLU A 57 -2.13 -26.61 9.71
N PRO A 58 -1.65 -27.60 10.47
CA PRO A 58 -0.81 -27.30 11.64
C PRO A 58 0.67 -27.37 11.32
N THR A 59 1.47 -26.82 12.23
CA THR A 59 2.92 -26.90 12.14
C THR A 59 3.47 -27.15 13.54
N SER A 60 4.31 -28.17 13.66
CA SER A 60 4.89 -28.56 14.95
C SER A 60 6.34 -28.09 15.03
N ALA A 61 6.73 -27.58 16.21
CA ALA A 61 8.12 -27.31 16.48
C ALA A 61 8.90 -28.63 16.57
N ASP A 62 10.21 -28.54 16.31
CA ASP A 62 11.03 -29.73 16.18
C ASP A 62 10.88 -30.66 17.38
N ASP A 63 10.99 -30.12 18.59
CA ASP A 63 10.98 -30.95 19.78
C ASP A 63 9.60 -31.53 20.10
N PHE A 64 8.56 -31.13 19.37
CA PHE A 64 7.20 -31.60 19.62
C PHE A 64 6.61 -32.34 18.44
N LYS A 65 7.45 -32.78 17.50
CA LYS A 65 6.98 -33.58 16.38
C LYS A 65 6.82 -35.03 16.80
N GLY A 66 5.63 -35.58 16.61
CA GLY A 66 5.38 -36.98 16.92
C GLY A 66 4.16 -37.20 17.78
N ARG A 67 4.32 -37.11 19.09
CA ARG A 67 3.23 -37.39 20.02
C ARG A 67 2.28 -36.23 20.20
N PHE A 68 2.60 -35.05 19.66
CA PHE A 68 1.79 -33.86 19.81
C PHE A 68 1.09 -33.55 18.49
N ALA A 69 -0.23 -33.42 18.55
CA ALA A 69 -1.05 -33.19 17.36
C ALA A 69 -1.89 -31.95 17.58
N PHE A 70 -1.94 -31.08 16.58
CA PHE A 70 -2.72 -29.85 16.62
C PHE A 70 -3.81 -29.94 15.57
N SER A 71 -5.06 -29.76 16.01
CA SER A 71 -6.21 -29.84 15.10
C SER A 71 -7.12 -28.65 15.32
N LEU A 72 -8.28 -28.65 14.68
CA LEU A 72 -9.13 -27.47 14.64
C LEU A 72 -10.58 -27.89 14.57
N GLU A 73 -11.47 -26.90 14.85
CA GLU A 73 -12.91 -27.05 14.68
C GLU A 73 -13.46 -25.65 14.41
N THR A 74 -13.41 -25.24 13.14
CA THR A 74 -13.75 -23.87 12.78
C THR A 74 -15.19 -23.54 13.15
N SER A 75 -16.10 -24.51 13.01
CA SER A 75 -17.51 -24.25 13.29
C SER A 75 -17.72 -23.83 14.74
N ALA A 76 -16.86 -24.27 15.66
CA ALA A 76 -16.95 -23.93 17.06
C ALA A 76 -15.87 -22.95 17.49
N SER A 77 -15.07 -22.44 16.56
CA SER A 77 -13.97 -21.52 16.88
C SER A 77 -13.09 -22.09 17.99
N THR A 78 -12.69 -23.35 17.82
CA THR A 78 -11.96 -24.08 18.85
C THR A 78 -10.72 -24.73 18.24
N ALA A 79 -9.60 -24.61 18.94
CA ALA A 79 -8.37 -25.29 18.58
C ALA A 79 -8.07 -26.35 19.62
N TYR A 80 -7.44 -27.43 19.18
CA TYR A 80 -7.19 -28.59 20.04
C TYR A 80 -5.70 -28.93 20.05
N LEU A 81 -5.22 -29.30 21.24
CA LEU A 81 -3.91 -29.92 21.42
C LEU A 81 -4.14 -31.31 21.98
N GLN A 82 -3.59 -32.32 21.31
CA GLN A 82 -3.68 -33.70 21.77
C GLN A 82 -2.28 -34.25 21.97
N ILE A 83 -2.03 -34.81 23.14
CA ILE A 83 -0.75 -35.40 23.51
C ILE A 83 -0.96 -36.90 23.66
N ASN A 84 -0.22 -37.69 22.87
CA ASN A 84 -0.32 -39.14 22.89
C ASN A 84 0.86 -39.73 23.67
N ASN A 85 0.62 -40.88 24.29
CA ASN A 85 1.64 -41.60 25.04
C ASN A 85 2.31 -40.66 26.06
N LEU A 86 1.49 -40.15 26.97
CA LEU A 86 1.96 -39.16 27.94
C LEU A 86 3.16 -39.68 28.71
N LYS A 87 4.20 -38.87 28.77
CA LYS A 87 5.39 -39.15 29.58
C LYS A 87 5.41 -38.22 30.80
N ASN A 88 6.26 -38.57 31.76
CA ASN A 88 6.37 -37.74 32.96
C ASN A 88 6.75 -36.31 32.61
N GLU A 89 7.68 -36.13 31.67
CA GLU A 89 8.14 -34.79 31.31
C GLU A 89 7.03 -33.96 30.66
N ASP A 90 5.94 -34.59 30.22
CA ASP A 90 4.82 -33.84 29.67
C ASP A 90 4.02 -33.12 30.75
N ALA A 91 4.21 -33.45 32.02
CA ALA A 91 3.54 -32.74 33.10
C ALA A 91 3.92 -31.27 33.05
N ALA A 92 2.93 -30.41 32.80
CA ALA A 92 3.18 -28.98 32.66
C ALA A 92 1.83 -28.29 32.52
N THR A 93 1.87 -26.96 32.47
CA THR A 93 0.72 -26.15 32.11
C THR A 93 0.83 -25.79 30.63
N TYR A 94 -0.27 -25.95 29.90
CA TYR A 94 -0.30 -25.71 28.46
C TYR A 94 -1.20 -24.53 28.17
N PHE A 95 -0.72 -23.62 27.33
CA PHE A 95 -1.44 -22.42 26.96
C PHE A 95 -1.68 -22.40 25.46
N CYS A 96 -2.83 -21.87 25.05
CA CYS A 96 -3.04 -21.42 23.69
C CYS A 96 -2.97 -19.90 23.66
N ALA A 97 -2.53 -19.37 22.53
CA ALA A 97 -2.37 -17.92 22.39
C ALA A 97 -2.60 -17.53 20.95
N ARG A 98 -3.22 -16.37 20.75
CA ARG A 98 -3.45 -15.85 19.41
C ARG A 98 -2.22 -15.11 18.92
N GLY A 99 -1.86 -15.36 17.66
CA GLY A 99 -0.74 -14.68 17.03
C GLY A 99 -1.23 -13.53 16.17
N ASP A 100 -0.68 -12.34 16.41
CA ASP A 100 -1.02 -11.14 15.67
C ASP A 100 0.24 -10.59 14.99
N TYR A 101 0.06 -10.12 13.76
CA TYR A 101 1.13 -9.48 13.01
C TYR A 101 0.94 -7.97 13.07
N TYR A 102 1.96 -7.26 13.54
CA TYR A 102 1.93 -5.80 13.63
C TYR A 102 2.89 -5.14 12.66
N GLY A 103 3.51 -5.90 11.78
CA GLY A 103 4.36 -5.34 10.74
C GLY A 103 5.83 -5.44 11.08
N SER A 104 6.64 -5.63 10.04
CA SER A 104 8.11 -5.62 10.15
C SER A 104 8.59 -6.63 11.20
N SER A 105 7.96 -7.79 11.23
CA SER A 105 8.26 -8.80 12.24
C SER A 105 7.32 -9.97 12.04
N SER A 106 7.60 -11.05 12.76
CA SER A 106 6.68 -12.18 12.79
C SER A 106 5.61 -11.93 13.85
N ALA A 107 4.73 -12.91 14.04
CA ALA A 107 3.63 -12.72 14.97
C ALA A 107 4.13 -12.82 16.41
N TRP A 108 3.58 -11.97 17.28
CA TRP A 108 3.69 -12.12 18.71
C TRP A 108 2.33 -12.53 19.28
N LEU A 109 2.29 -12.71 20.60
CA LEU A 109 1.16 -13.36 21.27
C LEU A 109 0.51 -12.40 22.25
N PRO A 110 -0.46 -11.60 21.81
CA PRO A 110 -1.08 -10.61 22.72
C PRO A 110 -2.17 -11.17 23.61
N TYR A 111 -2.73 -12.34 23.30
CA TYR A 111 -3.88 -12.87 24.03
C TYR A 111 -3.66 -14.35 24.29
N TRP A 112 -3.77 -14.73 25.57
CA TRP A 112 -3.51 -16.09 26.02
C TRP A 112 -4.74 -16.67 26.70
N GLY A 113 -4.92 -17.98 26.55
CA GLY A 113 -5.88 -18.69 27.36
C GLY A 113 -5.43 -18.73 28.80
N GLN A 114 -6.31 -19.21 29.68
CA GLN A 114 -6.00 -19.26 31.10
C GLN A 114 -5.05 -20.40 31.47
N GLY A 115 -4.74 -21.28 30.53
CA GLY A 115 -3.83 -22.38 30.80
C GLY A 115 -4.58 -23.65 31.20
N THR A 116 -3.93 -24.79 30.95
CA THR A 116 -4.47 -26.10 31.28
C THR A 116 -3.37 -26.92 31.93
N LEU A 117 -3.57 -27.29 33.19
CA LEU A 117 -2.59 -28.09 33.91
C LEU A 117 -2.77 -29.56 33.58
N VAL A 118 -1.68 -30.22 33.17
CA VAL A 118 -1.67 -31.65 32.89
C VAL A 118 -0.78 -32.32 33.91
N THR A 119 -1.35 -33.21 34.72
CA THR A 119 -0.62 -33.94 35.75
C THR A 119 -0.47 -35.40 35.32
N VAL A 120 0.76 -35.90 35.39
CA VAL A 120 1.07 -37.27 35.03
C VAL A 120 1.28 -38.02 36.34
N SER A 121 0.29 -38.82 36.73
CA SER A 121 0.31 -39.56 37.98
C SER A 121 0.56 -41.03 37.70
N ALA A 122 1.55 -41.61 38.36
CA ALA A 122 1.90 -43.01 38.16
C ALA A 122 1.34 -43.87 39.31
N GLN B 1 -18.01 12.57 11.50
CA GLN B 1 -17.42 12.40 10.13
C GLN B 1 -15.90 12.45 10.19
N VAL B 2 -15.29 11.26 10.13
CA VAL B 2 -13.83 11.18 10.13
C VAL B 2 -13.28 11.92 8.92
N GLN B 3 -12.15 12.60 9.12
CA GLN B 3 -11.52 13.34 8.03
C GLN B 3 -10.03 13.47 8.33
N LEU B 4 -9.20 13.25 7.31
CA LEU B 4 -7.75 13.37 7.41
C LEU B 4 -7.29 14.31 6.32
N VAL B 5 -6.75 15.47 6.71
CA VAL B 5 -6.34 16.52 5.78
C VAL B 5 -4.82 16.66 5.87
N GLN B 6 -4.15 16.43 4.75
CA GLN B 6 -2.70 16.44 4.69
C GLN B 6 -2.17 17.76 4.16
N SER B 7 -0.86 17.95 4.33
CA SER B 7 -0.20 19.16 3.83
C SER B 7 -0.09 19.10 2.31
N GLY B 8 0.28 20.24 1.72
CA GLY B 8 0.30 20.37 0.28
C GLY B 8 1.49 19.71 -0.38
N ALA B 9 1.46 19.71 -1.71
CA ALA B 9 2.51 19.09 -2.50
C ALA B 9 3.87 19.65 -2.12
N GLU B 10 4.89 18.81 -2.24
CA GLU B 10 6.25 19.14 -1.85
C GLU B 10 7.19 18.91 -3.03
N VAL B 11 8.27 19.70 -3.07
CA VAL B 11 9.31 19.57 -4.09
C VAL B 11 10.65 19.59 -3.36
N LYS B 12 11.46 18.55 -3.57
CA LYS B 12 12.72 18.41 -2.88
C LYS B 12 13.77 17.90 -3.86
N LYS B 13 15.03 18.13 -3.51
CA LYS B 13 16.15 17.64 -4.28
C LYS B 13 16.74 16.38 -3.65
N PRO B 14 17.43 15.55 -4.43
CA PRO B 14 18.04 14.35 -3.85
C PRO B 14 18.91 14.70 -2.65
N GLY B 15 18.87 13.83 -1.64
CA GLY B 15 19.59 14.04 -0.42
C GLY B 15 18.86 14.88 0.62
N ALA B 16 17.85 15.62 0.21
CA ALA B 16 17.11 16.48 1.13
C ALA B 16 16.12 15.64 1.94
N SER B 17 15.35 16.33 2.78
CA SER B 17 14.34 15.70 3.62
C SER B 17 12.99 16.35 3.38
N VAL B 18 11.93 15.60 3.68
CA VAL B 18 10.57 16.09 3.54
C VAL B 18 9.77 15.63 4.75
N LYS B 19 8.80 16.46 5.15
CA LYS B 19 7.93 16.17 6.29
C LYS B 19 6.49 16.46 5.88
N VAL B 20 5.68 15.41 5.83
CA VAL B 20 4.25 15.51 5.52
C VAL B 20 3.48 15.48 6.81
N SER B 21 2.40 16.26 6.89
CA SER B 21 1.54 16.30 8.05
C SER B 21 0.16 15.75 7.69
N CYS B 22 -0.55 15.30 8.72
CA CYS B 22 -1.86 14.67 8.56
C CYS B 22 -2.73 15.13 9.73
N LYS B 23 -3.59 16.11 9.49
CA LYS B 23 -4.49 16.64 10.51
C LYS B 23 -5.74 15.77 10.57
N ALA B 24 -6.03 15.24 11.76
CA ALA B 24 -7.19 14.37 11.97
C ALA B 24 -8.30 15.12 12.69
N SER B 25 -9.54 14.85 12.30
CA SER B 25 -10.70 15.44 12.94
C SER B 25 -11.86 14.46 12.84
N GLY B 26 -12.87 14.68 13.68
CA GLY B 26 -14.04 13.85 13.68
C GLY B 26 -13.95 12.60 14.55
N TYR B 27 -12.90 12.47 15.33
CA TYR B 27 -12.74 11.33 16.23
C TYR B 27 -11.62 11.65 17.20
N THR B 28 -11.49 10.81 18.23
CA THR B 28 -10.44 10.97 19.23
C THR B 28 -9.10 10.59 18.60
N PHE B 29 -8.25 11.58 18.35
CA PHE B 29 -7.01 11.35 17.62
C PHE B 29 -6.16 10.29 18.30
N THR B 30 -6.04 10.35 19.63
CA THR B 30 -5.16 9.44 20.35
C THR B 30 -5.70 8.01 20.44
N GLY B 31 -6.90 7.74 19.95
CA GLY B 31 -7.49 6.43 20.09
C GLY B 31 -7.25 5.46 18.96
N TYR B 32 -6.54 5.88 17.90
CA TYR B 32 -6.38 5.04 16.71
C TYR B 32 -4.96 5.16 16.19
N TYR B 33 -4.35 4.02 15.87
CA TYR B 33 -3.10 4.04 15.14
C TYR B 33 -3.24 4.84 13.86
N MET B 34 -2.14 5.48 13.44
CA MET B 34 -2.09 6.18 12.18
C MET B 34 -0.99 5.54 11.33
N HIS B 35 -1.34 5.18 10.10
CA HIS B 35 -0.42 4.53 9.17
C HIS B 35 -0.05 5.50 8.06
N TRP B 36 1.07 5.21 7.40
CA TRP B 36 1.52 5.96 6.24
C TRP B 36 1.76 4.98 5.09
N VAL B 37 1.14 5.27 3.94
CA VAL B 37 1.24 4.45 2.75
C VAL B 37 1.56 5.39 1.58
N ARG B 38 2.51 5.01 0.74
CA ARG B 38 2.90 5.81 -0.40
C ARG B 38 2.59 5.04 -1.68
N GLN B 39 2.62 5.78 -2.80
CA GLN B 39 2.28 5.21 -4.10
C GLN B 39 3.07 5.96 -5.16
N ALA B 40 4.03 5.29 -5.79
CA ALA B 40 4.79 5.91 -6.85
C ALA B 40 3.93 6.06 -8.10
N PRO B 41 4.31 6.96 -9.01
CA PRO B 41 3.50 7.17 -10.23
C PRO B 41 3.31 5.89 -11.00
N GLY B 42 2.05 5.55 -11.24
CA GLY B 42 1.71 4.36 -12.00
C GLY B 42 1.93 3.04 -11.29
N GLN B 43 2.28 3.07 -10.02
CA GLN B 43 2.56 1.86 -9.26
C GLN B 43 1.51 1.69 -8.15
N GLY B 44 1.68 0.64 -7.36
CA GLY B 44 0.73 0.28 -6.33
C GLY B 44 1.02 0.94 -5.00
N LEU B 45 0.40 0.40 -3.96
CA LEU B 45 0.50 0.94 -2.61
C LEU B 45 1.66 0.27 -1.86
N GLU B 46 2.31 1.05 -1.00
CA GLU B 46 3.48 0.58 -0.26
C GLU B 46 3.37 1.06 1.18
N TRP B 47 3.29 0.12 2.12
CA TRP B 47 3.21 0.45 3.53
C TRP B 47 4.56 0.92 4.06
N MET B 48 4.54 2.00 4.84
CA MET B 48 5.75 2.58 5.38
C MET B 48 5.91 2.40 6.89
N GLY B 49 4.82 2.33 7.63
CA GLY B 49 4.91 2.22 9.07
C GLY B 49 3.66 2.81 9.71
N TRP B 50 3.61 2.72 11.04
CA TRP B 50 2.54 3.33 11.81
C TRP B 50 3.10 4.00 13.04
N ILE B 51 2.24 4.74 13.73
CA ILE B 51 2.55 5.39 14.98
C ILE B 51 1.32 5.29 15.87
N ASN B 52 1.54 4.98 17.14
CA ASN B 52 0.49 5.05 18.14
C ASN B 52 0.47 6.47 18.72
N PRO B 53 -0.45 7.32 18.27
CA PRO B 53 -0.42 8.72 18.76
C PRO B 53 -0.63 8.84 20.25
N ASN B 54 -1.17 7.81 20.90
CA ASN B 54 -1.35 7.86 22.34
C ASN B 54 -0.03 7.78 23.08
N SER B 55 0.89 6.94 22.59
CA SER B 55 2.15 6.68 23.28
C SER B 55 3.37 7.25 22.57
N GLY B 56 3.26 7.53 21.28
CA GLY B 56 4.41 7.92 20.48
C GLY B 56 5.18 6.75 19.91
N GLY B 57 4.83 5.52 20.26
CA GLY B 57 5.52 4.37 19.71
C GLY B 57 5.28 4.24 18.22
N THR B 58 6.29 3.73 17.52
CA THR B 58 6.25 3.62 16.07
C THR B 58 6.74 2.25 15.63
N ASN B 59 6.56 2.00 14.33
CA ASN B 59 7.03 0.77 13.71
C ASN B 59 7.17 1.06 12.23
N TYR B 60 8.36 0.83 11.67
CA TYR B 60 8.66 1.18 10.29
C TYR B 60 8.92 -0.06 9.46
N ALA B 61 8.47 -0.04 8.21
CA ALA B 61 8.86 -1.09 7.28
C ALA B 61 10.37 -1.18 7.20
N GLN B 62 10.88 -2.40 7.03
CA GLN B 62 12.32 -2.60 7.00
C GLN B 62 12.98 -1.76 5.90
N LYS B 63 12.26 -1.52 4.80
CA LYS B 63 12.82 -0.76 3.68
C LYS B 63 13.11 0.68 4.07
N PHE B 64 12.45 1.22 5.10
CA PHE B 64 12.61 2.61 5.47
C PHE B 64 13.28 2.80 6.83
N GLN B 65 13.59 1.71 7.55
CA GLN B 65 14.27 1.84 8.83
C GLN B 65 15.54 2.66 8.67
N GLY B 66 15.72 3.63 9.57
CA GLY B 66 16.87 4.50 9.54
C GLY B 66 16.73 5.71 8.64
N ARG B 67 15.66 5.79 7.86
CA ARG B 67 15.46 6.90 6.94
C ARG B 67 14.11 7.59 7.09
N VAL B 68 13.18 7.04 7.88
CA VAL B 68 11.86 7.62 8.08
C VAL B 68 11.63 7.81 9.57
N THR B 69 10.96 8.90 9.92
CA THR B 69 10.62 9.23 11.29
C THR B 69 9.16 9.63 11.35
N MET B 70 8.39 8.98 12.22
CA MET B 70 6.97 9.26 12.40
C MET B 70 6.75 9.84 13.79
N THR B 71 6.09 10.99 13.84
CA THR B 71 5.80 11.68 15.08
C THR B 71 4.35 12.14 15.07
N ARG B 72 3.90 12.66 16.21
CA ARG B 72 2.57 13.22 16.31
C ARG B 72 2.58 14.37 17.29
N ASP B 73 1.62 15.27 17.13
CA ASP B 73 1.41 16.39 18.05
C ASP B 73 -0.06 16.34 18.46
N THR B 74 -0.34 15.72 19.61
CA THR B 74 -1.72 15.57 20.05
C THR B 74 -2.39 16.92 20.26
N SER B 75 -1.62 17.98 20.53
CA SER B 75 -2.22 19.29 20.76
C SER B 75 -2.91 19.85 19.54
N ILE B 76 -2.60 19.33 18.33
CA ILE B 76 -3.25 19.78 17.11
C ILE B 76 -3.71 18.57 16.30
N SER B 77 -3.81 17.42 16.95
CA SER B 77 -4.31 16.20 16.33
C SER B 77 -3.67 15.97 14.96
N THR B 78 -2.35 16.10 14.90
CA THR B 78 -1.62 15.98 13.64
C THR B 78 -0.54 14.91 13.78
N ALA B 79 -0.47 14.04 12.77
CA ALA B 79 0.60 13.07 12.64
C ALA B 79 1.54 13.50 11.52
N TYR B 80 2.81 13.11 11.65
CA TYR B 80 3.84 13.54 10.71
C TYR B 80 4.63 12.34 10.21
N MET B 81 5.12 12.46 8.98
CA MET B 81 6.00 11.47 8.37
C MET B 81 7.17 12.22 7.75
N GLU B 82 8.37 11.99 8.26
CA GLU B 82 9.57 12.64 7.78
C GLU B 82 10.48 11.59 7.14
N LEU B 83 10.75 11.77 5.84
CA LEU B 83 11.62 10.88 5.07
C LEU B 83 12.84 11.68 4.63
N SER B 84 14.03 11.23 5.03
CA SER B 84 15.27 11.93 4.76
C SER B 84 16.06 11.21 3.67
N ARG B 85 17.18 11.82 3.28
CA ARG B 85 18.07 11.28 2.26
C ARG B 85 17.28 10.89 1.00
N LEU B 86 16.40 11.79 0.59
CA LEU B 86 15.50 11.51 -0.52
C LEU B 86 16.28 11.19 -1.79
N ARG B 87 15.65 10.38 -2.65
CA ARG B 87 16.21 10.05 -3.95
C ARG B 87 15.07 10.06 -4.97
N SER B 88 15.43 9.85 -6.23
CA SER B 88 14.45 10.00 -7.31
C SER B 88 13.26 9.06 -7.12
N ASP B 89 13.52 7.80 -6.77
CA ASP B 89 12.45 6.82 -6.64
C ASP B 89 11.63 7.00 -5.37
N ASP B 90 11.86 8.06 -4.60
CA ASP B 90 10.95 8.45 -3.53
C ASP B 90 9.83 9.36 -4.03
N THR B 91 9.89 9.79 -5.28
CA THR B 91 8.78 10.52 -5.87
C THR B 91 7.51 9.67 -5.82
N ALA B 92 6.50 10.17 -5.13
CA ALA B 92 5.29 9.37 -4.93
C ALA B 92 4.27 10.24 -4.20
N VAL B 93 3.03 9.77 -4.21
CA VAL B 93 1.97 10.34 -3.38
C VAL B 93 1.99 9.64 -2.04
N TYR B 94 2.07 10.41 -0.97
CA TYR B 94 2.13 9.89 0.39
C TYR B 94 0.79 10.08 1.07
N TYR B 95 0.24 9.00 1.61
CA TYR B 95 -1.04 9.01 2.29
C TYR B 95 -0.85 8.71 3.77
N CYS B 96 -1.72 9.29 4.60
CA CYS B 96 -1.96 8.77 5.93
C CYS B 96 -3.26 7.99 5.93
N ALA B 97 -3.32 6.95 6.74
CA ALA B 97 -4.50 6.08 6.79
C ALA B 97 -4.75 5.64 8.22
N ARG B 98 -6.03 5.56 8.57
CA ARG B 98 -6.47 5.17 9.90
C ARG B 98 -7.27 3.90 9.81
N GLY B 99 -7.02 2.98 10.74
CA GLY B 99 -7.72 1.70 10.74
C GLY B 99 -9.21 1.88 10.93
N LYS B 100 -9.94 0.80 10.64
CA LYS B 100 -11.39 0.78 10.84
C LYS B 100 -11.75 0.78 12.31
N ASN B 101 -11.12 -0.09 13.09
CA ASN B 101 -11.46 -0.28 14.50
C ASN B 101 -10.54 0.55 15.39
N SER B 102 -10.91 0.62 16.67
CA SER B 102 -10.14 1.36 17.66
C SER B 102 -8.92 0.60 18.16
N ASP B 103 -8.83 -0.71 17.89
CA ASP B 103 -7.63 -1.46 18.17
C ASP B 103 -6.76 -1.49 16.91
N TYR B 104 -5.62 -2.17 16.98
CA TYR B 104 -4.74 -2.25 15.83
C TYR B 104 -5.35 -3.16 14.76
N ASN B 105 -5.46 -2.64 13.54
CA ASN B 105 -5.92 -3.47 12.43
C ASN B 105 -5.40 -2.90 11.13
N TRP B 106 -5.28 -3.77 10.14
CA TRP B 106 -4.76 -3.40 8.82
C TRP B 106 -5.84 -2.91 7.88
N ASP B 107 -7.09 -2.84 8.33
CA ASP B 107 -8.21 -2.40 7.50
C ASP B 107 -8.21 -0.88 7.47
N PHE B 108 -7.63 -0.31 6.43
CA PHE B 108 -7.48 1.14 6.30
C PHE B 108 -8.76 1.71 5.72
N GLN B 109 -9.69 2.08 6.60
CA GLN B 109 -10.98 2.59 6.18
C GLN B 109 -10.95 4.08 5.87
N HIS B 110 -10.08 4.84 6.52
CA HIS B 110 -10.01 6.29 6.36
C HIS B 110 -8.65 6.66 5.80
N TRP B 111 -8.64 7.54 4.79
CA TRP B 111 -7.43 7.96 4.11
C TRP B 111 -7.41 9.47 3.97
N GLY B 112 -6.21 10.04 4.07
CA GLY B 112 -6.01 11.43 3.67
C GLY B 112 -6.14 11.56 2.17
N GLN B 113 -6.07 12.81 1.70
CA GLN B 113 -6.19 13.05 0.27
C GLN B 113 -4.89 12.82 -0.49
N GLY B 114 -3.80 12.55 0.22
CA GLY B 114 -2.52 12.31 -0.43
C GLY B 114 -1.70 13.58 -0.55
N THR B 115 -0.38 13.44 -0.42
CA THR B 115 0.56 14.54 -0.58
C THR B 115 1.61 14.11 -1.60
N LEU B 116 1.65 14.78 -2.74
CA LEU B 116 2.65 14.50 -3.76
C LEU B 116 3.99 15.09 -3.34
N VAL B 117 5.02 14.23 -3.31
CA VAL B 117 6.39 14.66 -3.06
C VAL B 117 7.20 14.34 -4.31
N THR B 118 7.72 15.38 -4.95
CA THR B 118 8.55 15.25 -6.13
C THR B 118 10.01 15.41 -5.72
N VAL B 119 10.83 14.41 -6.02
CA VAL B 119 12.27 14.45 -5.77
C VAL B 119 12.98 14.60 -7.10
N SER B 120 13.68 15.71 -7.29
CA SER B 120 14.35 15.99 -8.54
C SER B 120 15.30 17.16 -8.33
N SER B 121 16.34 17.22 -9.17
CA SER B 121 17.28 18.33 -9.15
C SER B 121 16.83 19.51 -9.99
N ALA B 122 15.73 19.39 -10.72
CA ALA B 122 15.26 20.46 -11.58
C ALA B 122 14.70 21.63 -10.75
N SER B 123 14.81 22.82 -11.31
CA SER B 123 14.30 24.03 -10.69
C SER B 123 12.93 24.38 -11.28
N THR B 124 12.16 25.14 -10.50
CA THR B 124 10.84 25.57 -10.96
C THR B 124 10.94 26.30 -12.28
N LYS B 125 10.11 25.91 -13.24
CA LYS B 125 10.13 26.50 -14.56
C LYS B 125 8.74 26.47 -15.15
N GLY B 126 8.30 27.61 -15.68
CA GLY B 126 7.04 27.69 -16.38
C GLY B 126 7.12 27.03 -17.74
N PRO B 127 5.96 26.66 -18.30
CA PRO B 127 5.96 25.98 -19.59
C PRO B 127 6.14 26.94 -20.76
N SER B 128 6.63 26.38 -21.86
CA SER B 128 6.63 27.05 -23.16
C SER B 128 5.50 26.44 -23.99
N VAL B 129 4.51 27.25 -24.34
CA VAL B 129 3.33 26.79 -25.04
C VAL B 129 3.51 27.04 -26.54
N PHE B 130 3.35 25.98 -27.34
CA PHE B 130 3.43 26.07 -28.78
C PHE B 130 2.14 25.53 -29.41
N PRO B 131 1.73 26.07 -30.56
CA PRO B 131 0.49 25.60 -31.18
C PRO B 131 0.68 24.28 -31.91
N LEU B 132 -0.37 23.47 -31.87
CA LEU B 132 -0.48 22.29 -32.72
C LEU B 132 -1.48 22.68 -33.82
N ALA B 133 -0.94 23.24 -34.90
CA ALA B 133 -1.78 23.89 -35.89
C ALA B 133 -2.68 22.88 -36.59
N PRO B 134 -3.95 23.21 -36.80
CA PRO B 134 -4.82 22.35 -37.61
C PRO B 134 -4.52 22.55 -39.09
N SER B 135 -5.30 21.86 -39.92
CA SER B 135 -5.17 21.97 -41.37
C SER B 135 -6.42 21.41 -42.02
N SER B 136 -6.97 22.16 -42.99
CA SER B 136 -8.06 21.63 -43.80
C SER B 136 -7.62 20.41 -44.60
N LYS B 137 -6.32 20.20 -44.77
CA LYS B 137 -5.78 19.10 -45.55
C LYS B 137 -5.46 17.87 -44.72
N SER B 138 -5.81 17.86 -43.44
CA SER B 138 -5.54 16.73 -42.54
C SER B 138 -6.80 16.44 -41.72
N THR B 139 -7.70 15.66 -42.32
CA THR B 139 -8.95 15.28 -41.68
C THR B 139 -9.11 13.77 -41.72
N SER B 140 -9.50 13.18 -40.60
CA SER B 140 -9.73 11.74 -40.52
C SER B 140 -11.20 11.45 -40.22
N GLY B 142 -14.92 14.39 -41.32
CA GLY B 142 -15.12 15.80 -41.57
C GLY B 142 -14.67 16.66 -40.42
N THR B 143 -13.57 16.24 -39.79
CA THR B 143 -13.12 16.83 -38.53
C THR B 143 -11.64 17.17 -38.59
N ALA B 144 -11.29 18.34 -38.06
CA ALA B 144 -9.91 18.75 -37.88
C ALA B 144 -9.51 18.56 -36.42
N ALA B 145 -8.20 18.57 -36.18
CA ALA B 145 -7.65 18.46 -34.84
C ALA B 145 -6.62 19.57 -34.65
N LEU B 146 -6.69 20.22 -33.50
CA LEU B 146 -5.73 21.24 -33.11
C LEU B 146 -5.39 21.04 -31.63
N GLY B 147 -4.39 21.78 -31.17
CA GLY B 147 -3.99 21.64 -29.78
C GLY B 147 -2.89 22.61 -29.42
N CYS B 148 -2.38 22.43 -28.20
CA CYS B 148 -1.26 23.20 -27.67
C CYS B 148 -0.24 22.24 -27.08
N LEU B 149 1.03 22.47 -27.39
CA LEU B 149 2.13 21.71 -26.83
C LEU B 149 2.68 22.48 -25.63
N VAL B 150 2.49 21.92 -24.44
CA VAL B 150 2.93 22.53 -23.19
C VAL B 150 4.21 21.80 -22.78
N LYS B 151 5.36 22.41 -23.08
CA LYS B 151 6.64 21.72 -22.99
C LYS B 151 7.56 22.39 -21.98
N ASP B 152 8.39 21.56 -21.34
CA ASP B 152 9.48 22.00 -20.47
C ASP B 152 8.95 22.86 -19.32
N TYR B 153 8.28 22.20 -18.39
CA TYR B 153 7.86 22.83 -17.15
C TYR B 153 8.15 21.90 -15.99
N PHE B 154 8.24 22.48 -14.79
CA PHE B 154 8.49 21.71 -13.58
C PHE B 154 8.09 22.56 -12.39
N PRO B 155 7.44 22.00 -11.36
CA PRO B 155 6.97 20.61 -11.25
C PRO B 155 5.54 20.42 -11.74
N GLU B 156 5.02 19.21 -11.59
CA GLU B 156 3.60 18.97 -11.76
C GLU B 156 2.83 19.90 -10.82
N PRO B 157 1.59 20.29 -11.17
CA PRO B 157 0.79 19.99 -12.35
C PRO B 157 0.54 21.20 -13.25
N VAL B 158 -0.08 20.93 -14.40
CA VAL B 158 -0.52 21.96 -15.33
C VAL B 158 -1.99 21.68 -15.68
N THR B 159 -2.77 22.73 -15.80
CA THR B 159 -4.16 22.63 -16.23
C THR B 159 -4.33 23.40 -17.53
N VAL B 160 -5.14 22.86 -18.43
CA VAL B 160 -5.39 23.45 -19.73
C VAL B 160 -6.90 23.54 -19.96
N SER B 161 -7.36 24.71 -20.40
CA SER B 161 -8.72 24.89 -20.86
C SER B 161 -8.66 25.47 -22.28
N TRP B 162 -9.83 25.55 -22.91
CA TRP B 162 -9.95 26.07 -24.26
C TRP B 162 -11.03 27.13 -24.28
N ASN B 163 -10.70 28.29 -24.86
CA ASN B 163 -11.63 29.40 -24.96
C ASN B 163 -12.23 29.75 -23.59
N SER B 164 -11.37 29.76 -22.58
CA SER B 164 -11.75 30.14 -21.22
C SER B 164 -12.86 29.25 -20.67
N GLY B 165 -12.90 28.00 -21.11
CA GLY B 165 -13.88 27.04 -20.65
C GLY B 165 -15.11 26.92 -21.52
N ALA B 166 -15.23 27.75 -22.56
CA ALA B 166 -16.40 27.65 -23.44
C ALA B 166 -16.32 26.41 -24.33
N LEU B 167 -15.11 25.92 -24.59
CA LEU B 167 -14.91 24.74 -25.43
C LEU B 167 -14.50 23.57 -24.55
N THR B 168 -15.34 22.54 -24.51
CA THR B 168 -15.10 21.37 -23.68
C THR B 168 -15.23 20.06 -24.43
N SER B 169 -16.26 19.92 -25.28
CA SER B 169 -16.46 18.67 -25.99
C SER B 169 -15.29 18.39 -26.92
N GLY B 170 -14.82 17.14 -26.91
CA GLY B 170 -13.73 16.73 -27.76
C GLY B 170 -12.35 17.10 -27.25
N VAL B 171 -12.26 17.80 -26.13
CA VAL B 171 -10.96 18.18 -25.58
C VAL B 171 -10.32 16.96 -24.93
N HIS B 172 -9.04 16.74 -25.23
CA HIS B 172 -8.25 15.70 -24.58
C HIS B 172 -6.95 16.34 -24.12
N THR B 173 -6.75 16.41 -22.80
CA THR B 173 -5.52 16.90 -22.21
C THR B 173 -4.76 15.70 -21.66
N PHE B 174 -3.65 15.36 -22.32
CA PHE B 174 -2.94 14.13 -22.01
C PHE B 174 -2.16 14.27 -20.70
N PRO B 175 -1.97 13.15 -19.98
CA PRO B 175 -1.07 13.19 -18.82
C PRO B 175 0.33 13.59 -19.25
N ALA B 176 1.01 14.31 -18.38
CA ALA B 176 2.36 14.76 -18.67
C ALA B 176 3.32 13.58 -18.70
N VAL B 177 4.38 13.73 -19.48
CA VAL B 177 5.47 12.76 -19.54
C VAL B 177 6.72 13.42 -18.96
N LEU B 178 7.50 12.66 -18.23
CA LEU B 178 8.77 13.14 -17.68
C LEU B 178 9.86 12.94 -18.73
N GLN B 179 10.45 14.04 -19.19
CA GLN B 179 11.49 13.98 -20.19
C GLN B 179 12.85 13.74 -19.56
N SER B 180 13.77 13.20 -20.36
CA SER B 180 15.11 12.91 -19.87
C SER B 180 15.79 14.13 -19.26
N SER B 181 15.36 15.34 -19.65
CA SER B 181 15.91 16.56 -19.07
C SER B 181 15.42 16.82 -17.65
N GLY B 182 14.45 16.06 -17.17
CA GLY B 182 13.85 16.31 -15.87
C GLY B 182 12.65 17.22 -15.90
N LEU B 183 12.32 17.80 -17.05
CA LEU B 183 11.17 18.69 -17.18
C LEU B 183 9.99 17.91 -17.77
N TYR B 184 8.79 18.30 -17.36
CA TYR B 184 7.57 17.66 -17.84
C TYR B 184 7.10 18.30 -19.14
N SER B 185 6.21 17.59 -19.83
CA SER B 185 5.65 18.07 -21.08
C SER B 185 4.34 17.32 -21.33
N LEU B 186 3.34 18.06 -21.82
CA LEU B 186 2.05 17.47 -22.17
C LEU B 186 1.50 18.19 -23.39
N SER B 187 0.46 17.61 -23.96
CA SER B 187 -0.29 18.22 -25.05
C SER B 187 -1.77 18.20 -24.72
N SER B 188 -2.47 19.21 -25.22
CA SER B 188 -3.92 19.30 -25.10
C SER B 188 -4.50 19.49 -26.49
N VAL B 189 -5.39 18.59 -26.91
CA VAL B 189 -5.93 18.60 -28.25
C VAL B 189 -7.46 18.66 -28.17
N VAL B 190 -8.06 19.06 -29.28
CA VAL B 190 -9.52 19.09 -29.40
C VAL B 190 -9.87 18.86 -30.87
N THR B 191 -10.91 18.08 -31.10
CA THR B 191 -11.42 17.86 -32.45
C THR B 191 -12.56 18.84 -32.70
N VAL B 192 -12.55 19.44 -33.89
CA VAL B 192 -13.54 20.45 -34.24
C VAL B 192 -13.88 20.33 -35.72
N PRO B 193 -15.03 20.84 -36.13
CA PRO B 193 -15.38 20.80 -37.57
C PRO B 193 -14.33 21.50 -38.41
N SER B 194 -13.92 20.83 -39.49
CA SER B 194 -12.93 21.42 -40.39
C SER B 194 -13.43 22.70 -41.04
N SER B 195 -14.75 22.90 -41.08
CA SER B 195 -15.31 24.09 -41.70
C SER B 195 -15.22 25.33 -40.83
N SER B 196 -15.01 25.17 -39.52
CA SER B 196 -14.95 26.29 -38.60
C SER B 196 -13.54 26.81 -38.39
N LEU B 197 -12.53 26.21 -39.03
CA LEU B 197 -11.15 26.64 -38.80
C LEU B 197 -10.93 28.09 -39.20
N GLY B 198 -11.70 28.59 -40.15
CA GLY B 198 -11.52 29.94 -40.63
C GLY B 198 -12.45 30.95 -39.97
N THR B 199 -13.42 30.45 -39.19
CA THR B 199 -14.43 31.30 -38.56
C THR B 199 -14.35 31.31 -37.04
N GLN B 200 -14.08 30.17 -36.42
CA GLN B 200 -14.05 30.08 -34.96
C GLN B 200 -12.64 30.29 -34.43
N THR B 201 -12.52 31.09 -33.38
CA THR B 201 -11.24 31.32 -32.73
C THR B 201 -11.00 30.25 -31.68
N TYR B 202 -9.79 29.72 -31.66
CA TYR B 202 -9.39 28.67 -30.72
C TYR B 202 -8.17 29.12 -29.95
N ILE B 203 -8.29 29.20 -28.63
CA ILE B 203 -7.20 29.61 -27.75
C ILE B 203 -7.17 28.64 -26.58
N CYS B 204 -5.97 28.17 -26.26
CA CYS B 204 -5.78 27.30 -25.10
C CYS B 204 -5.27 28.15 -23.94
N ASN B 205 -5.89 27.97 -22.77
CA ASN B 205 -5.52 28.69 -21.57
C ASN B 205 -4.76 27.73 -20.67
N VAL B 206 -3.47 27.97 -20.51
CA VAL B 206 -2.58 27.09 -19.75
C VAL B 206 -2.25 27.77 -18.42
N ASN B 207 -2.28 26.98 -17.35
CA ASN B 207 -2.01 27.47 -16.00
C ASN B 207 -1.01 26.54 -15.33
N HIS B 208 0.10 27.09 -14.87
CA HIS B 208 1.11 26.36 -14.10
C HIS B 208 1.29 27.11 -12.78
N LYS B 209 0.41 26.82 -11.83
CA LYS B 209 0.43 27.55 -10.56
C LYS B 209 1.76 27.44 -9.82
N PRO B 210 2.46 26.31 -9.82
CA PRO B 210 3.77 26.26 -9.13
C PRO B 210 4.71 27.38 -9.52
N SER B 211 4.58 27.92 -10.74
CA SER B 211 5.36 29.06 -11.19
C SER B 211 4.50 30.30 -11.41
N ASN B 212 3.24 30.27 -10.96
CA ASN B 212 2.33 31.40 -11.13
C ASN B 212 2.30 31.89 -12.57
N THR B 213 2.17 30.94 -13.49
CA THR B 213 2.21 31.21 -14.92
C THR B 213 0.83 30.95 -15.54
N LYS B 214 0.32 31.93 -16.27
CA LYS B 214 -0.90 31.79 -17.06
C LYS B 214 -0.57 32.21 -18.49
N VAL B 215 -0.79 31.30 -19.43
CA VAL B 215 -0.46 31.53 -20.83
C VAL B 215 -1.69 31.25 -21.68
N ASP B 216 -2.00 32.16 -22.59
CA ASP B 216 -3.06 31.99 -23.58
C ASP B 216 -2.42 31.99 -24.95
N LYS B 217 -2.63 30.91 -25.71
CA LYS B 217 -2.02 30.74 -27.02
C LYS B 217 -3.11 30.50 -28.06
N ARG B 218 -3.16 31.34 -29.08
CA ARG B 218 -4.11 31.15 -30.17
C ARG B 218 -3.55 30.16 -31.17
N VAL B 219 -4.41 29.23 -31.61
CA VAL B 219 -4.03 28.16 -32.52
C VAL B 219 -4.78 28.36 -33.82
N GLU B 220 -4.03 28.44 -34.93
CA GLU B 220 -4.62 28.60 -36.25
C GLU B 220 -3.80 27.81 -37.26
N PRO B 221 -4.32 27.58 -38.47
CA PRO B 221 -3.54 26.86 -39.48
C PRO B 221 -2.22 27.56 -39.75
N LYS B 222 -1.18 26.77 -40.02
CA LYS B 222 0.14 27.34 -40.30
C LYS B 222 0.11 28.11 -41.60
N SER B 223 0.80 29.25 -41.61
CA SER B 223 0.84 30.15 -42.77
C SER B 223 1.92 29.68 -43.73
N CYS B 224 1.50 29.06 -44.83
CA CYS B 224 2.42 28.58 -45.84
C CYS B 224 2.69 29.67 -46.87
N ASP B 225 3.96 29.85 -47.21
CA ASP B 225 4.36 30.85 -48.21
C ASP B 225 5.24 30.27 -49.30
N LYS B 226 5.51 28.96 -49.28
CA LYS B 226 6.38 28.36 -50.29
C LYS B 226 5.73 28.43 -51.66
N THR B 227 6.55 28.69 -52.68
CA THR B 227 6.07 28.74 -54.05
C THR B 227 6.41 27.43 -54.78
N GLU C 1 7.42 -13.24 5.02
CA GLU C 1 6.90 -12.31 3.98
C GLU C 1 5.80 -12.97 3.16
N ILE C 2 4.80 -12.19 2.76
CA ILE C 2 3.70 -12.66 1.92
C ILE C 2 3.72 -11.86 0.63
N VAL C 3 3.63 -12.56 -0.50
CA VAL C 3 3.53 -11.94 -1.82
C VAL C 3 2.12 -12.17 -2.33
N LEU C 4 1.42 -11.08 -2.65
CA LEU C 4 0.06 -11.13 -3.18
C LEU C 4 0.11 -10.89 -4.68
N THR C 5 -0.26 -11.89 -5.46
CA THR C 5 -0.26 -11.81 -6.91
C THR C 5 -1.70 -11.70 -7.38
N GLN C 6 -2.05 -10.53 -7.92
CA GLN C 6 -3.38 -10.29 -8.45
C GLN C 6 -3.41 -10.59 -9.94
N SER C 7 -4.56 -11.09 -10.41
CA SER C 7 -4.72 -11.44 -11.80
C SER C 7 -6.20 -11.30 -12.16
N PRO C 8 -6.52 -10.96 -13.42
CA PRO C 8 -5.54 -10.57 -14.44
C PRO C 8 -5.05 -9.15 -14.21
N ALA C 9 -4.02 -8.72 -14.94
CA ALA C 9 -3.55 -7.35 -14.80
C ALA C 9 -4.66 -6.35 -15.14
N THR C 10 -5.46 -6.66 -16.17
CA THR C 10 -6.54 -5.81 -16.60
C THR C 10 -7.76 -6.65 -16.96
N LEU C 11 -8.93 -6.20 -16.54
CA LEU C 11 -10.21 -6.82 -16.89
C LEU C 11 -11.00 -5.85 -17.75
N SER C 12 -11.51 -6.34 -18.87
CA SER C 12 -12.31 -5.55 -19.80
C SER C 12 -13.73 -6.12 -19.81
N LEU C 13 -14.65 -5.41 -19.17
CA LEU C 13 -16.03 -5.85 -19.05
C LEU C 13 -16.97 -4.69 -19.32
N SER C 14 -18.20 -5.02 -19.65
CA SER C 14 -19.21 -4.02 -19.91
C SER C 14 -20.09 -3.80 -18.68
N PRO C 15 -20.69 -2.62 -18.54
CA PRO C 15 -21.65 -2.43 -17.44
C PRO C 15 -22.72 -3.51 -17.45
N GLY C 16 -23.03 -4.04 -16.27
CA GLY C 16 -24.01 -5.09 -16.12
C GLY C 16 -23.42 -6.48 -16.01
N GLU C 17 -22.20 -6.68 -16.51
CA GLU C 17 -21.56 -7.99 -16.42
C GLU C 17 -20.96 -8.18 -15.03
N ARG C 18 -20.61 -9.43 -14.72
CA ARG C 18 -19.97 -9.77 -13.46
C ARG C 18 -18.47 -9.79 -13.63
N ALA C 19 -17.77 -9.20 -12.66
CA ALA C 19 -16.32 -9.17 -12.64
C ALA C 19 -15.80 -10.10 -11.55
N THR C 20 -14.75 -10.85 -11.88
CA THR C 20 -14.09 -11.75 -10.94
C THR C 20 -12.62 -11.37 -10.88
N LEU C 21 -12.19 -10.88 -9.71
CA LEU C 21 -10.81 -10.47 -9.49
C LEU C 21 -10.14 -11.44 -8.53
N SER C 22 -8.94 -11.89 -8.90
CA SER C 22 -8.21 -12.89 -8.15
C SER C 22 -7.02 -12.26 -7.43
N CYS C 23 -6.71 -12.81 -6.27
CA CYS C 23 -5.55 -12.42 -5.48
C CYS C 23 -5.03 -13.67 -4.81
N ARG C 24 -3.79 -14.05 -5.10
CA ARG C 24 -3.18 -15.27 -4.58
C ARG C 24 -2.02 -14.91 -3.66
N ALA C 25 -2.03 -15.48 -2.46
CA ALA C 25 -0.96 -15.28 -1.50
C ALA C 25 0.10 -16.35 -1.69
N SER C 26 1.37 -15.94 -1.57
CA SER C 26 2.47 -16.90 -1.73
C SER C 26 2.35 -18.05 -0.74
N GLN C 27 1.78 -17.80 0.44
CA GLN C 27 1.53 -18.85 1.41
C GLN C 27 0.28 -18.48 2.21
N SER C 28 -0.41 -19.50 2.70
CA SER C 28 -1.64 -19.29 3.45
C SER C 28 -1.32 -19.09 4.92
N VAL C 29 -1.77 -17.96 5.47
CA VAL C 29 -1.60 -17.66 6.88
C VAL C 29 -2.93 -17.51 7.59
N SER C 30 -3.88 -16.80 7.00
CA SER C 30 -5.15 -16.48 7.64
C SER C 30 -6.10 -15.95 6.59
N SER C 31 -7.29 -15.56 7.05
CA SER C 31 -8.29 -14.87 6.23
C SER C 31 -8.22 -13.37 6.37
N TYR C 32 -7.22 -12.85 7.08
CA TYR C 32 -7.09 -11.42 7.37
C TYR C 32 -6.65 -10.70 6.09
N LEU C 33 -7.60 -10.54 5.18
CA LEU C 33 -7.32 -9.97 3.87
C LEU C 33 -8.42 -9.00 3.48
N ALA C 34 -8.02 -7.85 2.94
CA ALA C 34 -8.96 -6.80 2.56
C ALA C 34 -8.81 -6.47 1.09
N TRP C 35 -9.85 -5.90 0.52
CA TRP C 35 -9.87 -5.41 -0.85
C TRP C 35 -10.13 -3.91 -0.83
N TYR C 36 -9.47 -3.20 -1.76
CA TYR C 36 -9.61 -1.76 -1.87
C TYR C 36 -9.90 -1.38 -3.32
N GLN C 37 -10.62 -0.27 -3.48
CA GLN C 37 -10.86 0.35 -4.77
C GLN C 37 -10.12 1.69 -4.82
N GLN C 38 -9.57 2.03 -5.99
CA GLN C 38 -8.90 3.31 -6.16
C GLN C 38 -9.14 3.84 -7.56
N LYS C 39 -9.58 5.09 -7.65
CA LYS C 39 -9.78 5.79 -8.90
C LYS C 39 -8.69 6.84 -9.10
N PRO C 40 -8.42 7.25 -10.33
CA PRO C 40 -7.35 8.22 -10.58
C PRO C 40 -7.50 9.47 -9.71
N GLY C 41 -6.38 9.89 -9.13
CA GLY C 41 -6.37 11.10 -8.33
C GLY C 41 -7.05 11.01 -6.98
N GLN C 42 -7.49 9.83 -6.58
CA GLN C 42 -8.18 9.66 -5.32
C GLN C 42 -7.45 8.63 -4.45
N ALA C 43 -7.76 8.64 -3.16
CA ALA C 43 -7.21 7.67 -2.25
C ALA C 43 -7.96 6.34 -2.37
N PRO C 44 -7.33 5.25 -1.94
CA PRO C 44 -8.05 3.97 -1.93
C PRO C 44 -9.30 4.03 -1.07
N ARG C 45 -10.21 3.10 -1.33
CA ARG C 45 -11.44 2.96 -0.57
C ARG C 45 -11.58 1.51 -0.13
N LEU C 46 -11.79 1.30 1.16
CA LEU C 46 -11.91 -0.05 1.70
C LEU C 46 -13.23 -0.68 1.26
N LEU C 47 -13.16 -1.88 0.69
CA LEU C 47 -14.32 -2.61 0.23
C LEU C 47 -14.65 -3.81 1.10
N ILE C 48 -13.67 -4.67 1.33
CA ILE C 48 -13.84 -5.95 2.00
C ILE C 48 -12.78 -6.08 3.08
N TYR C 49 -13.16 -6.71 4.19
CA TYR C 49 -12.21 -7.06 5.24
C TYR C 49 -12.56 -8.45 5.73
N ASP C 50 -11.58 -9.11 6.34
CA ASP C 50 -11.73 -10.50 6.78
C ASP C 50 -12.05 -11.42 5.60
N ALA C 51 -11.59 -11.03 4.40
CA ALA C 51 -11.77 -11.82 3.19
C ALA C 51 -13.18 -11.74 2.62
N SER C 52 -14.20 -11.70 3.49
CA SER C 52 -15.58 -11.81 3.01
C SER C 52 -16.56 -10.87 3.69
N ASN C 53 -16.12 -9.99 4.59
CA ASN C 53 -17.02 -9.03 5.22
C ASN C 53 -16.95 -7.72 4.46
N ARG C 54 -18.11 -7.09 4.27
CA ARG C 54 -18.23 -5.88 3.47
C ARG C 54 -18.19 -4.66 4.37
N ALA C 55 -17.36 -3.68 4.00
CA ALA C 55 -17.21 -2.47 4.79
C ALA C 55 -18.48 -1.63 4.74
N THR C 56 -18.62 -0.75 5.72
CA THR C 56 -19.80 0.10 5.79
C THR C 56 -19.88 1.02 4.59
N GLY C 57 -21.08 1.16 4.03
CA GLY C 57 -21.31 2.05 2.91
C GLY C 57 -21.03 1.45 1.54
N ILE C 58 -20.57 0.20 1.48
CA ILE C 58 -20.24 -0.43 0.21
C ILE C 58 -21.46 -1.18 -0.29
N PRO C 59 -21.87 -1.01 -1.55
CA PRO C 59 -23.03 -1.76 -2.05
C PRO C 59 -22.77 -3.26 -2.05
N ALA C 60 -23.85 -4.03 -1.89
CA ALA C 60 -23.73 -5.47 -1.72
C ALA C 60 -23.34 -6.19 -2.99
N ARG C 61 -23.28 -5.50 -4.13
CA ARG C 61 -22.78 -6.15 -5.35
C ARG C 61 -21.31 -6.49 -5.24
N PHE C 62 -20.60 -5.89 -4.30
CA PHE C 62 -19.24 -6.30 -3.96
C PHE C 62 -19.29 -7.40 -2.92
N SER C 63 -18.60 -8.51 -3.20
CA SER C 63 -18.51 -9.62 -2.26
C SER C 63 -17.12 -10.24 -2.37
N GLY C 64 -16.62 -10.73 -1.25
CA GLY C 64 -15.31 -11.36 -1.19
C GLY C 64 -15.43 -12.79 -0.73
N SER C 65 -14.54 -13.64 -1.26
CA SER C 65 -14.47 -15.04 -0.89
C SER C 65 -13.01 -15.48 -0.94
N GLY C 66 -12.75 -16.68 -0.43
CA GLY C 66 -11.38 -17.17 -0.39
C GLY C 66 -11.35 -18.64 -0.02
N SER C 67 -10.25 -19.27 -0.42
CA SER C 67 -10.01 -20.68 -0.11
C SER C 67 -8.49 -20.85 -0.06
N GLY C 68 -7.95 -20.94 1.16
CA GLY C 68 -6.51 -21.05 1.32
C GLY C 68 -5.79 -19.82 0.83
N THR C 69 -4.88 -20.01 -0.13
CA THR C 69 -4.11 -18.90 -0.67
C THR C 69 -4.89 -18.05 -1.66
N ASP C 70 -5.96 -18.58 -2.23
CA ASP C 70 -6.66 -17.93 -3.34
C ASP C 70 -7.84 -17.13 -2.83
N PHE C 71 -7.82 -15.83 -3.09
CA PHE C 71 -8.89 -14.93 -2.69
C PHE C 71 -9.54 -14.34 -3.94
N THR C 72 -10.81 -14.01 -3.83
CA THR C 72 -11.59 -13.56 -4.98
C THR C 72 -12.50 -12.41 -4.57
N LEU C 73 -12.45 -11.33 -5.35
CA LEU C 73 -13.41 -10.25 -5.26
C LEU C 73 -14.36 -10.36 -6.44
N THR C 74 -15.66 -10.37 -6.15
CA THR C 74 -16.69 -10.52 -7.16
C THR C 74 -17.59 -9.29 -7.14
N ILE C 75 -17.82 -8.71 -8.30
CA ILE C 75 -18.80 -7.65 -8.48
C ILE C 75 -19.93 -8.24 -9.32
N SER C 76 -21.10 -8.41 -8.70
CA SER C 76 -22.18 -9.17 -9.34
C SER C 76 -22.63 -8.52 -10.64
N SER C 77 -22.94 -7.22 -10.60
CA SER C 77 -23.37 -6.48 -11.79
C SER C 77 -22.63 -5.14 -11.80
N LEU C 78 -21.71 -4.99 -12.74
CA LEU C 78 -20.87 -3.80 -12.79
C LEU C 78 -21.70 -2.54 -13.06
N GLU C 79 -21.44 -1.50 -12.27
CA GLU C 79 -21.94 -0.17 -12.53
C GLU C 79 -20.82 0.69 -13.12
N PRO C 80 -21.17 1.74 -13.87
CA PRO C 80 -20.11 2.60 -14.44
C PRO C 80 -19.11 3.08 -13.41
N GLU C 81 -19.52 3.30 -12.16
CA GLU C 81 -18.62 3.78 -11.13
C GLU C 81 -17.68 2.69 -10.61
N ASP C 82 -17.81 1.45 -11.06
CA ASP C 82 -17.00 0.35 -10.56
C ASP C 82 -15.70 0.18 -11.33
N PHE C 83 -15.55 0.79 -12.50
CA PHE C 83 -14.34 0.61 -13.29
C PHE C 83 -13.23 1.47 -12.69
N ALA C 84 -12.22 0.81 -12.14
CA ALA C 84 -11.16 1.46 -11.40
C ALA C 84 -10.09 0.41 -11.14
N VAL C 85 -9.11 0.76 -10.31
CA VAL C 85 -8.07 -0.17 -9.90
C VAL C 85 -8.47 -0.76 -8.56
N TYR C 86 -8.24 -2.06 -8.41
CA TYR C 86 -8.57 -2.79 -7.19
C TYR C 86 -7.31 -3.45 -6.64
N TYR C 87 -7.14 -3.38 -5.34
CA TYR C 87 -5.98 -3.92 -4.64
C TYR C 87 -6.44 -4.87 -3.54
N CYS C 88 -5.68 -5.94 -3.33
CA CYS C 88 -5.83 -6.78 -2.15
C CYS C 88 -4.69 -6.51 -1.19
N GLN C 89 -4.90 -6.87 0.07
CA GLN C 89 -3.97 -6.52 1.13
C GLN C 89 -4.03 -7.60 2.22
N GLN C 90 -2.86 -8.02 2.70
CA GLN C 90 -2.77 -8.87 3.87
C GLN C 90 -1.61 -8.34 4.71
N TYR C 91 -1.93 -7.83 5.89
CA TYR C 91 -0.93 -7.24 6.80
C TYR C 91 -0.31 -6.05 6.05
N GLU C 92 1.01 -5.89 6.11
CA GLU C 92 1.66 -4.76 5.46
C GLU C 92 1.75 -4.91 3.94
N PHE C 93 1.32 -6.04 3.39
CA PHE C 93 1.57 -6.36 1.99
C PHE C 93 0.35 -6.03 1.13
N PHE C 94 0.61 -5.49 -0.05
CA PHE C 94 -0.41 -5.18 -1.04
C PHE C 94 -0.16 -5.97 -2.32
N GLY C 95 -1.23 -6.39 -2.97
CA GLY C 95 -1.13 -6.81 -4.35
C GLY C 95 -0.78 -5.64 -5.24
N GLN C 96 -0.39 -5.94 -6.47
CA GLN C 96 0.02 -4.90 -7.40
C GLN C 96 -1.13 -4.33 -8.22
N GLY C 97 -2.34 -4.84 -8.03
CA GLY C 97 -3.52 -4.20 -8.55
C GLY C 97 -4.05 -4.87 -9.81
N THR C 98 -5.37 -4.77 -9.98
CA THR C 98 -6.05 -5.19 -11.20
C THR C 98 -6.85 -4.01 -11.70
N LYS C 99 -6.60 -3.57 -12.94
CA LYS C 99 -7.35 -2.49 -13.54
C LYS C 99 -8.60 -3.06 -14.20
N LEU C 100 -9.74 -2.43 -13.93
CA LEU C 100 -11.02 -2.83 -14.49
C LEU C 100 -11.49 -1.70 -15.41
N GLU C 101 -11.50 -1.96 -16.72
CA GLU C 101 -11.88 -0.96 -17.71
C GLU C 101 -13.10 -1.46 -18.48
N ILE C 102 -13.74 -0.54 -19.20
CA ILE C 102 -14.99 -0.81 -19.88
C ILE C 102 -14.70 -1.42 -21.26
N LYS C 103 -15.30 -2.57 -21.54
CA LYS C 103 -15.22 -3.19 -22.85
C LYS C 103 -16.36 -2.68 -23.71
N ARG C 104 -16.03 -2.15 -24.88
CA ARG C 104 -17.01 -1.65 -25.83
C ARG C 104 -16.63 -2.13 -27.23
N THR C 105 -17.48 -1.82 -28.20
CA THR C 105 -17.19 -2.19 -29.58
C THR C 105 -15.89 -1.56 -30.04
N VAL C 106 -15.22 -2.24 -30.98
CA VAL C 106 -13.98 -1.72 -31.53
C VAL C 106 -14.25 -0.40 -32.24
N ALA C 107 -13.37 0.58 -32.02
CA ALA C 107 -13.49 1.89 -32.67
C ALA C 107 -12.09 2.31 -33.12
N ALA C 108 -11.96 2.57 -34.41
CA ALA C 108 -10.67 2.93 -34.96
C ALA C 108 -10.31 4.37 -34.58
N PRO C 109 -9.02 4.68 -34.47
CA PRO C 109 -8.63 6.05 -34.15
C PRO C 109 -8.66 6.97 -35.35
N SER C 110 -8.97 8.23 -35.09
CA SER C 110 -8.68 9.30 -36.03
C SER C 110 -7.22 9.73 -35.81
N VAL C 111 -6.46 9.79 -36.91
CA VAL C 111 -5.02 10.01 -36.85
C VAL C 111 -4.72 11.39 -37.40
N PHE C 112 -3.90 12.16 -36.67
CA PHE C 112 -3.47 13.48 -37.09
C PHE C 112 -1.99 13.64 -36.72
N ILE C 113 -1.25 14.33 -37.58
CA ILE C 113 0.16 14.62 -37.34
C ILE C 113 0.34 16.13 -37.36
N PHE C 114 1.11 16.63 -36.39
CA PHE C 114 1.37 18.06 -36.25
C PHE C 114 2.85 18.32 -36.42
N PRO C 115 3.28 19.15 -37.37
CA PRO C 115 4.71 19.49 -37.47
C PRO C 115 5.10 20.44 -36.35
N PRO C 116 6.40 20.63 -36.12
CA PRO C 116 6.81 21.59 -35.11
C PRO C 116 6.52 23.02 -35.55
N SER C 117 6.24 23.88 -34.58
CA SER C 117 5.93 25.26 -34.87
C SER C 117 7.21 26.04 -35.15
N ASP C 118 7.11 27.03 -36.03
CA ASP C 118 8.27 27.88 -36.32
C ASP C 118 8.83 28.49 -35.05
N GLU C 119 7.94 28.84 -34.10
CA GLU C 119 8.40 29.43 -32.85
C GLU C 119 9.29 28.47 -32.06
N GLN C 120 8.92 27.19 -32.03
CA GLN C 120 9.72 26.22 -31.30
C GLN C 120 11.06 26.00 -31.99
N LEU C 121 11.06 25.89 -33.32
CA LEU C 121 12.31 25.71 -34.04
C LEU C 121 13.29 26.84 -33.74
N LYS C 122 12.78 28.06 -33.59
CA LYS C 122 13.66 29.17 -33.25
C LYS C 122 14.39 28.92 -31.95
N SER C 123 13.79 28.15 -31.03
CA SER C 123 14.42 27.85 -29.77
C SER C 123 15.47 26.75 -29.88
N GLY C 124 15.44 25.96 -30.95
CA GLY C 124 16.45 24.95 -31.20
C GLY C 124 15.99 23.52 -31.11
N THR C 125 14.70 23.26 -30.96
CA THR C 125 14.18 21.90 -30.85
C THR C 125 12.95 21.75 -31.74
N ALA C 126 12.69 20.52 -32.16
CA ALA C 126 11.56 20.19 -33.03
C ALA C 126 10.74 19.08 -32.39
N SER C 127 9.49 19.36 -32.09
CA SER C 127 8.56 18.38 -31.54
C SER C 127 7.51 18.05 -32.59
N VAL C 128 7.44 16.78 -32.97
CA VAL C 128 6.44 16.29 -33.92
C VAL C 128 5.47 15.42 -33.14
N VAL C 129 4.18 15.74 -33.24
CA VAL C 129 3.14 15.09 -32.46
C VAL C 129 2.24 14.31 -33.40
N CYS C 130 1.95 13.05 -33.05
CA CYS C 130 0.97 12.23 -33.73
C CYS C 130 -0.15 11.93 -32.75
N LEU C 131 -1.39 12.15 -33.19
CA LEU C 131 -2.56 12.04 -32.32
C LEU C 131 -3.45 10.91 -32.81
N LEU C 132 -3.77 9.99 -31.90
CA LEU C 132 -4.80 8.97 -32.10
C LEU C 132 -5.98 9.34 -31.21
N ASN C 133 -7.16 9.51 -31.81
CA ASN C 133 -8.29 10.13 -31.13
C ASN C 133 -9.46 9.16 -31.04
N ASN C 134 -9.90 8.90 -29.80
CA ASN C 134 -11.12 8.16 -29.51
C ASN C 134 -11.15 6.80 -30.21
N PHE C 135 -10.36 5.89 -29.68
CA PHE C 135 -10.28 4.53 -30.20
C PHE C 135 -10.43 3.53 -29.07
N TYR C 136 -10.75 2.29 -29.46
CA TYR C 136 -10.82 1.18 -28.52
C TYR C 136 -10.60 -0.09 -29.33
N PRO C 137 -9.83 -1.07 -28.81
CA PRO C 137 -9.17 -1.12 -27.50
C PRO C 137 -8.02 -0.14 -27.32
N ARG C 138 -7.51 -0.11 -26.09
CA ARG C 138 -6.45 0.84 -25.73
C ARG C 138 -5.15 0.56 -26.44
N GLU C 139 -4.95 -0.66 -26.95
CA GLU C 139 -3.68 -1.04 -27.53
C GLU C 139 -3.59 -0.56 -28.98
N ALA C 140 -2.48 0.09 -29.31
CA ALA C 140 -2.26 0.59 -30.66
C ALA C 140 -0.76 0.67 -30.91
N LYS C 141 -0.37 0.52 -32.17
CA LYS C 141 1.02 0.59 -32.59
C LYS C 141 1.24 1.90 -33.32
N VAL C 142 2.19 2.70 -32.85
CA VAL C 142 2.52 4.00 -33.44
C VAL C 142 4.01 4.00 -33.73
N GLN C 143 4.36 4.01 -35.02
CA GLN C 143 5.75 4.00 -35.46
C GLN C 143 6.05 5.29 -36.21
N TRP C 144 7.21 5.87 -35.92
CA TRP C 144 7.72 7.04 -36.62
C TRP C 144 8.73 6.62 -37.67
N LYS C 145 8.66 7.24 -38.84
CA LYS C 145 9.60 7.00 -39.92
C LYS C 145 10.04 8.34 -40.50
N VAL C 146 11.34 8.60 -40.47
CA VAL C 146 11.92 9.83 -41.01
C VAL C 146 12.69 9.45 -42.27
N ASP C 147 12.24 9.95 -43.42
CA ASP C 147 12.81 9.56 -44.70
C ASP C 147 12.84 8.04 -44.83
N ASN C 148 11.77 7.40 -44.37
CA ASN C 148 11.61 5.95 -44.45
C ASN C 148 12.62 5.21 -43.58
N ALA C 149 13.09 5.86 -42.52
CA ALA C 149 13.98 5.25 -41.54
C ALA C 149 13.26 5.14 -40.21
N LEU C 150 13.11 3.92 -39.71
CA LEU C 150 12.40 3.70 -38.46
C LEU C 150 13.12 4.40 -37.31
N GLN C 151 12.35 5.14 -36.51
CA GLN C 151 12.88 5.83 -35.35
C GLN C 151 12.71 4.99 -34.09
N SER C 152 13.66 5.12 -33.17
CA SER C 152 13.64 4.37 -31.93
C SER C 152 14.38 5.15 -30.85
N GLY C 153 13.77 5.23 -29.66
CA GLY C 153 14.40 5.85 -28.52
C GLY C 153 14.28 7.36 -28.45
N ASN C 154 13.62 7.99 -29.43
CA ASN C 154 13.46 9.44 -29.46
C ASN C 154 11.99 9.85 -29.48
N SER C 155 11.12 8.98 -28.97
CA SER C 155 9.69 9.28 -28.93
C SER C 155 9.10 8.81 -27.61
N GLN C 156 8.06 9.50 -27.15
CA GLN C 156 7.33 9.13 -25.95
C GLN C 156 5.84 9.13 -26.26
N GLU C 157 5.10 8.30 -25.54
CA GLU C 157 3.66 8.19 -25.71
C GLU C 157 2.96 8.58 -24.42
N SER C 158 1.74 9.09 -24.57
CA SER C 158 0.87 9.38 -23.44
C SER C 158 -0.55 8.95 -23.81
N VAL C 159 -1.23 8.32 -22.86
CA VAL C 159 -2.60 7.84 -23.06
C VAL C 159 -3.49 8.52 -22.05
N THR C 160 -4.72 8.83 -22.47
CA THR C 160 -5.70 9.40 -21.56
C THR C 160 -6.41 8.32 -20.78
N GLU C 161 -7.08 8.72 -19.71
CA GLU C 161 -8.01 7.83 -19.03
C GLU C 161 -9.20 7.55 -19.94
N GLN C 162 -9.80 6.38 -19.74
CA GLN C 162 -10.94 5.99 -20.56
C GLN C 162 -12.04 7.05 -20.48
N ASP C 163 -12.51 7.50 -21.63
CA ASP C 163 -13.49 8.57 -21.67
C ASP C 163 -14.79 8.14 -21.00
N SER C 164 -15.34 9.04 -20.18
CA SER C 164 -16.53 8.71 -19.40
C SER C 164 -17.78 8.61 -20.27
N LYS C 165 -17.78 9.20 -21.47
CA LYS C 165 -18.96 9.19 -22.32
C LYS C 165 -18.96 8.01 -23.29
N ASP C 166 -17.95 7.94 -24.17
CA ASP C 166 -17.90 6.91 -25.21
C ASP C 166 -16.96 5.77 -24.87
N SER C 167 -16.33 5.78 -23.69
CA SER C 167 -15.48 4.68 -23.23
C SER C 167 -14.32 4.41 -24.20
N THR C 168 -13.86 5.43 -24.90
CA THR C 168 -12.73 5.31 -25.81
C THR C 168 -11.46 5.83 -25.15
N TYR C 169 -10.34 5.67 -25.85
CA TYR C 169 -9.06 6.19 -25.44
C TYR C 169 -8.51 7.12 -26.52
N SER C 170 -7.64 8.04 -26.10
CA SER C 170 -6.87 8.87 -27.01
C SER C 170 -5.40 8.77 -26.62
N LEU C 171 -4.55 8.82 -27.64
CA LEU C 171 -3.12 8.60 -27.47
C LEU C 171 -2.35 9.62 -28.28
N SER C 172 -1.25 10.11 -27.71
CA SER C 172 -0.33 11.01 -28.40
C SER C 172 1.06 10.38 -28.40
N SER C 173 1.75 10.53 -29.53
CA SER C 173 3.13 10.11 -29.67
C SER C 173 3.94 11.31 -30.12
N THR C 174 4.95 11.66 -29.33
CA THR C 174 5.75 12.86 -29.57
C THR C 174 7.16 12.46 -29.97
N LEU C 175 7.53 12.74 -31.20
CA LEU C 175 8.91 12.59 -31.67
C LEU C 175 9.64 13.90 -31.42
N THR C 176 10.74 13.84 -30.68
CA THR C 176 11.52 15.02 -30.30
C THR C 176 12.90 14.93 -30.92
N LEU C 177 13.26 15.95 -31.69
CA LEU C 177 14.56 16.01 -32.35
C LEU C 177 15.10 17.42 -32.23
N SER C 178 16.43 17.53 -32.26
CA SER C 178 17.06 18.84 -32.31
C SER C 178 16.79 19.51 -33.65
N LYS C 179 16.88 20.84 -33.66
CA LYS C 179 16.70 21.57 -34.91
C LYS C 179 17.65 21.07 -35.98
N ALA C 180 18.91 20.82 -35.62
CA ALA C 180 19.89 20.33 -36.58
C ALA C 180 19.42 19.04 -37.23
N ASP C 181 19.13 18.02 -36.41
CA ASP C 181 18.69 16.74 -36.95
C ASP C 181 17.38 16.88 -37.71
N TYR C 182 16.49 17.73 -37.22
CA TYR C 182 15.20 17.93 -37.91
C TYR C 182 15.41 18.48 -39.32
N GLU C 183 16.46 19.27 -39.52
CA GLU C 183 16.72 19.85 -40.83
C GLU C 183 17.48 18.91 -41.75
N LYS C 184 18.06 17.83 -41.23
CA LYS C 184 18.75 16.86 -42.05
C LYS C 184 17.81 15.96 -42.83
N HIS C 185 16.50 16.06 -42.59
CA HIS C 185 15.53 15.15 -43.20
C HIS C 185 14.34 15.95 -43.70
N LYS C 186 13.50 15.28 -44.48
CA LYS C 186 12.35 15.92 -45.12
C LYS C 186 11.04 15.24 -44.75
N VAL C 187 10.92 13.94 -45.01
CA VAL C 187 9.66 13.22 -44.82
C VAL C 187 9.54 12.78 -43.37
N TYR C 188 8.43 13.17 -42.73
CA TYR C 188 8.10 12.74 -41.37
C TYR C 188 6.73 12.08 -41.41
N ALA C 189 6.67 10.83 -40.98
CA ALA C 189 5.46 10.02 -41.10
C ALA C 189 5.14 9.36 -39.77
N CYS C 190 3.84 9.20 -39.52
CA CYS C 190 3.32 8.48 -38.36
C CYS C 190 2.47 7.33 -38.86
N GLU C 191 2.91 6.10 -38.60
CA GLU C 191 2.21 4.90 -39.03
C GLU C 191 1.45 4.32 -37.84
N VAL C 192 0.14 4.15 -38.00
CA VAL C 192 -0.74 3.70 -36.92
C VAL C 192 -1.39 2.39 -37.33
N THR C 193 -1.25 1.37 -36.48
CA THR C 193 -1.94 0.11 -36.68
C THR C 193 -2.86 -0.12 -35.48
N HIS C 194 -4.13 -0.42 -35.76
CA HIS C 194 -5.11 -0.63 -34.71
C HIS C 194 -6.13 -1.65 -35.18
N GLN C 195 -6.68 -2.40 -34.22
CA GLN C 195 -7.61 -3.48 -34.55
C GLN C 195 -8.77 -2.99 -35.39
N GLY C 196 -9.18 -1.74 -35.21
CA GLY C 196 -10.31 -1.20 -35.94
C GLY C 196 -10.01 -0.73 -37.35
N LEU C 197 -8.76 -0.84 -37.79
CA LEU C 197 -8.34 -0.40 -39.12
C LEU C 197 -8.06 -1.62 -39.99
N SER C 198 -8.78 -1.74 -41.10
CA SER C 198 -8.54 -2.85 -42.03
C SER C 198 -7.08 -2.85 -42.49
N SER C 199 -6.50 -1.67 -42.66
CA SER C 199 -5.09 -1.52 -43.00
C SER C 199 -4.54 -0.37 -42.18
N PRO C 200 -3.23 -0.34 -41.95
CA PRO C 200 -2.65 0.77 -41.16
C PRO C 200 -2.87 2.10 -41.86
N VAL C 201 -2.94 3.15 -41.04
CA VAL C 201 -3.11 4.52 -41.53
C VAL C 201 -1.79 5.24 -41.37
N THR C 202 -1.42 6.03 -42.38
CA THR C 202 -0.17 6.78 -42.37
C THR C 202 -0.47 8.24 -42.61
N LYS C 203 0.03 9.10 -41.71
CA LYS C 203 -0.04 10.54 -41.85
C LYS C 203 1.38 11.07 -41.92
N SER C 204 1.65 11.94 -42.89
CA SER C 204 3.01 12.42 -43.10
C SER C 204 2.99 13.85 -43.61
N PHE C 205 4.13 14.50 -43.48
CA PHE C 205 4.35 15.83 -44.04
C PHE C 205 5.82 15.95 -44.41
N ASN C 206 6.11 16.80 -45.40
CA ASN C 206 7.47 17.07 -45.82
C ASN C 206 7.90 18.42 -45.26
N ARG C 207 9.05 18.43 -44.59
CA ARG C 207 9.56 19.65 -43.98
C ARG C 207 9.67 20.76 -45.03
N GLY C 208 9.31 21.97 -44.63
CA GLY C 208 9.37 23.11 -45.53
C GLY C 208 8.48 22.93 -46.74
N GLU C 209 7.20 22.63 -46.50
CA GLU C 209 6.22 22.47 -47.57
C GLU C 209 4.96 23.23 -47.18
N CYS C 210 3.83 22.81 -47.75
CA CYS C 210 2.57 23.51 -47.56
C CYS C 210 1.52 22.59 -46.95
N ASP D 1 17.37 -22.44 16.44
CA ASP D 1 16.40 -21.48 17.05
C ASP D 1 17.14 -20.34 17.73
N ILE D 2 16.50 -19.17 17.75
CA ILE D 2 17.06 -18.02 18.45
C ILE D 2 16.89 -18.20 19.94
N VAL D 3 17.93 -17.88 20.70
CA VAL D 3 17.94 -17.99 22.16
C VAL D 3 17.78 -16.60 22.75
N MET D 4 16.92 -16.48 23.75
CA MET D 4 16.73 -15.24 24.50
C MET D 4 17.24 -15.47 25.92
N THR D 5 18.29 -14.73 26.31
CA THR D 5 18.98 -14.94 27.57
C THR D 5 18.56 -13.87 28.57
N GLN D 6 17.87 -14.29 29.63
CA GLN D 6 17.58 -13.44 30.78
C GLN D 6 18.50 -13.90 31.91
N SER D 7 19.62 -13.19 32.10
CA SER D 7 20.58 -13.58 33.12
C SER D 7 20.08 -13.32 34.53
N GLN D 8 19.07 -12.47 34.69
CA GLN D 8 18.55 -12.11 36.01
C GLN D 8 17.43 -13.08 36.37
N LYS D 9 17.73 -14.03 37.26
CA LYS D 9 16.71 -14.97 37.71
C LYS D 9 15.81 -14.37 38.78
N PHE D 10 16.34 -13.48 39.61
CA PHE D 10 15.61 -12.94 40.74
C PHE D 10 16.06 -11.52 41.01
N MET D 11 15.13 -10.68 41.42
CA MET D 11 15.44 -9.31 41.81
C MET D 11 14.39 -8.85 42.83
N SER D 12 14.86 -8.12 43.83
CA SER D 12 13.99 -7.57 44.86
C SER D 12 13.99 -6.05 44.78
N THR D 13 12.81 -5.45 44.94
CA THR D 13 12.65 -4.01 44.89
C THR D 13 11.58 -3.60 45.90
N SER D 14 11.40 -2.30 46.05
CA SER D 14 10.41 -1.74 46.96
C SER D 14 9.41 -0.91 46.17
N VAL D 15 8.18 -0.81 46.71
CA VAL D 15 7.16 0.00 46.06
C VAL D 15 7.71 1.40 45.84
N GLY D 16 7.42 1.96 44.67
CA GLY D 16 7.88 3.28 44.30
C GLY D 16 9.23 3.30 43.58
N ASP D 17 10.01 2.24 43.69
CA ASP D 17 11.32 2.18 43.04
C ASP D 17 11.16 1.82 41.57
N ARG D 18 12.30 1.71 40.88
CA ARG D 18 12.34 1.34 39.48
C ARG D 18 13.36 0.24 39.28
N VAL D 19 13.04 -0.71 38.40
CA VAL D 19 13.91 -1.84 38.10
C VAL D 19 13.99 -2.03 36.60
N SER D 20 15.12 -2.60 36.16
CA SER D 20 15.36 -2.88 34.75
C SER D 20 15.66 -4.36 34.58
N ILE D 21 14.87 -5.04 33.75
CA ILE D 21 15.05 -6.44 33.44
C ILE D 21 15.63 -6.54 32.03
N THR D 22 16.76 -7.22 31.90
CA THR D 22 17.50 -7.30 30.65
C THR D 22 17.23 -8.63 29.95
N CYS D 23 17.50 -8.64 28.64
CA CYS D 23 17.28 -9.82 27.82
C CYS D 23 18.17 -9.72 26.59
N LYS D 24 18.99 -10.74 26.37
CA LYS D 24 20.00 -10.75 25.33
C LYS D 24 19.61 -11.78 24.26
N ALA D 25 19.32 -11.31 23.06
CA ALA D 25 19.01 -12.20 21.96
C ALA D 25 20.30 -12.77 21.36
N SER D 26 20.23 -14.03 20.95
CA SER D 26 21.40 -14.68 20.36
C SER D 26 21.59 -14.32 18.89
N GLN D 27 20.60 -13.71 18.26
CA GLN D 27 20.71 -13.25 16.88
C GLN D 27 20.06 -11.88 16.78
N ASN D 28 20.40 -11.16 15.72
CA ASN D 28 19.78 -9.87 15.44
C ASN D 28 18.29 -10.08 15.23
N VAL D 29 17.47 -9.64 16.18
CA VAL D 29 16.02 -9.74 16.07
C VAL D 29 15.40 -8.37 15.77
N ARG D 30 16.21 -7.43 15.27
CA ARG D 30 15.72 -6.09 14.97
C ARG D 30 15.03 -5.49 16.19
N THR D 31 13.74 -5.16 16.07
CA THR D 31 12.95 -4.66 17.20
C THR D 31 11.85 -5.62 17.64
N ALA D 32 11.84 -6.85 17.12
CA ALA D 32 10.75 -7.78 17.38
C ALA D 32 11.01 -8.53 18.69
N VAL D 33 10.81 -7.80 19.79
CA VAL D 33 10.91 -8.36 21.13
C VAL D 33 9.68 -7.89 21.92
N ALA D 34 9.06 -8.82 22.63
CA ALA D 34 7.91 -8.54 23.47
C ALA D 34 8.21 -8.97 24.90
N TRP D 35 7.55 -8.33 25.86
CA TRP D 35 7.71 -8.61 27.27
C TRP D 35 6.38 -9.01 27.87
N TYR D 36 6.42 -9.96 28.81
CA TYR D 36 5.22 -10.51 29.41
C TYR D 36 5.32 -10.50 30.93
N GLN D 37 4.16 -10.43 31.58
CA GLN D 37 4.05 -10.50 33.03
C GLN D 37 3.17 -11.70 33.37
N GLN D 38 3.60 -12.50 34.34
CA GLN D 38 2.86 -13.68 34.76
C GLN D 38 2.79 -13.71 36.28
N LYS D 39 1.58 -13.61 36.81
CA LYS D 39 1.34 -13.79 38.24
C LYS D 39 0.97 -15.24 38.51
N PRO D 40 1.17 -15.71 39.74
CA PRO D 40 0.84 -17.11 40.06
C PRO D 40 -0.61 -17.43 39.71
N GLY D 41 -0.82 -18.56 39.04
CA GLY D 41 -2.14 -18.99 38.65
C GLY D 41 -2.62 -18.42 37.34
N GLN D 42 -2.18 -17.20 37.02
CA GLN D 42 -2.61 -16.53 35.80
C GLN D 42 -1.67 -16.88 34.65
N SER D 43 -2.17 -16.67 33.44
CA SER D 43 -1.36 -16.83 32.24
C SER D 43 -0.47 -15.61 32.07
N PRO D 44 0.53 -15.70 31.18
CA PRO D 44 1.30 -14.50 30.85
C PRO D 44 0.41 -13.42 30.27
N LYS D 45 0.70 -12.17 30.63
CA LYS D 45 -0.02 -11.02 30.11
C LYS D 45 0.97 -10.13 29.34
N ALA D 46 0.56 -9.71 28.15
CA ALA D 46 1.45 -8.92 27.30
C ALA D 46 1.65 -7.53 27.87
N LEU D 47 2.91 -7.10 27.98
CA LEU D 47 3.26 -5.75 28.39
C LEU D 47 3.74 -4.92 27.21
N ILE D 48 4.81 -5.37 26.55
CA ILE D 48 5.44 -4.64 25.45
C ILE D 48 5.52 -5.56 24.24
N PHE D 49 5.39 -4.96 23.06
CA PHE D 49 5.68 -5.65 21.81
C PHE D 49 6.53 -4.73 20.95
N LEU D 50 7.16 -5.31 19.94
CA LEU D 50 8.06 -4.57 19.06
C LEU D 50 9.03 -3.70 19.87
N ALA D 51 9.55 -4.29 20.95
CA ALA D 51 10.64 -3.70 21.74
C ALA D 51 10.17 -2.59 22.67
N SER D 52 9.36 -1.65 22.18
CA SER D 52 9.06 -0.45 22.94
C SER D 52 7.59 -0.05 22.96
N ASN D 53 6.72 -0.81 22.31
CA ASN D 53 5.31 -0.45 22.19
C ASN D 53 4.49 -1.18 23.26
N ARG D 54 3.65 -0.42 23.95
CA ARG D 54 2.81 -0.98 25.00
C ARG D 54 1.55 -1.62 24.42
N HIS D 55 1.17 -2.75 25.00
CA HIS D 55 -0.09 -3.41 24.66
C HIS D 55 -1.24 -2.65 25.31
N THR D 56 -2.45 -2.91 24.81
CA THR D 56 -3.64 -2.23 25.30
C THR D 56 -3.76 -2.33 26.82
N GLY D 57 -4.08 -1.20 27.44
CA GLY D 57 -4.33 -1.15 28.87
C GLY D 57 -3.10 -1.20 29.74
N VAL D 58 -1.91 -1.35 29.17
CA VAL D 58 -0.69 -1.42 29.98
C VAL D 58 -0.35 -0.01 30.46
N PRO D 59 -0.14 0.19 31.77
CA PRO D 59 0.25 1.53 32.24
C PRO D 59 1.57 1.97 31.62
N ASP D 60 1.75 3.28 31.53
CA ASP D 60 3.00 3.82 31.00
C ASP D 60 4.18 3.63 31.96
N ARG D 61 3.94 3.11 33.16
CA ARG D 61 5.06 2.71 34.02
C ARG D 61 5.93 1.68 33.34
N PHE D 62 5.37 0.90 32.43
CA PHE D 62 6.11 -0.13 31.69
C PHE D 62 6.63 0.46 30.39
N THR D 63 7.95 0.50 30.25
CA THR D 63 8.58 0.96 29.02
C THR D 63 9.61 -0.08 28.59
N GLY D 64 9.78 -0.19 27.27
CA GLY D 64 10.74 -1.11 26.70
C GLY D 64 11.66 -0.40 25.74
N SER D 65 12.91 -0.87 25.70
CA SER D 65 13.92 -0.28 24.83
C SER D 65 14.80 -1.39 24.26
N GLY D 66 15.47 -1.07 23.16
CA GLY D 66 16.45 -1.96 22.59
C GLY D 66 16.20 -2.31 21.13
N SER D 67 17.27 -2.71 20.46
CA SER D 67 17.19 -3.17 19.07
C SER D 67 18.42 -4.01 18.79
N GLY D 68 18.27 -4.97 17.88
CA GLY D 68 19.36 -5.88 17.58
C GLY D 68 19.38 -7.07 18.51
N THR D 69 20.16 -6.97 19.59
CA THR D 69 20.25 -8.06 20.56
C THR D 69 20.07 -7.62 22.01
N ASP D 70 20.30 -6.34 22.34
CA ASP D 70 20.20 -5.86 23.71
C ASP D 70 18.83 -5.24 23.92
N PHE D 71 18.08 -5.78 24.88
CA PHE D 71 16.71 -5.33 25.15
C PHE D 71 16.50 -5.25 26.65
N THR D 72 15.64 -4.31 27.05
CA THR D 72 15.45 -4.03 28.47
C THR D 72 14.00 -3.65 28.73
N LEU D 73 13.43 -4.22 29.78
CA LEU D 73 12.14 -3.81 30.32
C LEU D 73 12.37 -3.00 31.58
N THR D 74 11.78 -1.81 31.63
CA THR D 74 11.91 -0.91 32.78
C THR D 74 10.54 -0.71 33.39
N ILE D 75 10.42 -1.02 34.68
CA ILE D 75 9.18 -0.84 35.43
C ILE D 75 9.43 0.28 36.43
N SER D 76 8.87 1.45 36.16
CA SER D 76 9.00 2.59 37.06
C SER D 76 7.82 2.63 38.02
N ASN D 77 8.03 3.27 39.17
CA ASN D 77 7.02 3.40 40.21
C ASN D 77 6.35 2.06 40.49
N VAL D 78 7.18 1.08 40.83
CA VAL D 78 6.72 -0.29 41.02
C VAL D 78 5.58 -0.31 42.02
N GLN D 79 4.48 -0.96 41.67
CA GLN D 79 3.35 -1.15 42.55
C GLN D 79 3.33 -2.58 43.07
N SER D 80 2.68 -2.76 44.23
CA SER D 80 2.60 -4.09 44.83
C SER D 80 2.05 -5.11 43.86
N GLU D 81 1.15 -4.70 42.95
CA GLU D 81 0.57 -5.64 42.02
C GLU D 81 1.54 -6.08 40.93
N ASP D 82 2.74 -5.49 40.88
CA ASP D 82 3.76 -5.90 39.92
C ASP D 82 4.48 -7.18 40.35
N LEU D 83 4.20 -7.70 41.53
CA LEU D 83 4.77 -8.98 41.96
C LEU D 83 4.43 -10.07 40.95
N ALA D 84 5.42 -10.58 40.24
CA ALA D 84 5.16 -11.53 39.16
C ALA D 84 6.48 -11.98 38.56
N ASP D 85 6.39 -12.94 37.64
CA ASP D 85 7.48 -13.31 36.76
C ASP D 85 7.38 -12.51 35.46
N TYR D 86 8.53 -12.20 34.88
CA TYR D 86 8.59 -11.44 33.64
C TYR D 86 9.47 -12.18 32.64
N PHE D 87 8.97 -12.32 31.41
CA PHE D 87 9.67 -13.02 30.34
C PHE D 87 9.74 -12.14 29.11
N CYS D 88 10.88 -12.19 28.42
CA CYS D 88 10.97 -11.62 27.09
C CYS D 88 10.64 -12.68 26.04
N LEU D 89 10.34 -12.20 24.84
CA LEU D 89 10.00 -13.06 23.72
C LEU D 89 10.52 -12.38 22.46
N GLN D 90 11.14 -13.16 21.58
CA GLN D 90 11.49 -12.69 20.25
C GLN D 90 10.43 -13.18 19.27
N HIS D 91 9.89 -12.26 18.49
CA HIS D 91 8.94 -12.58 17.43
C HIS D 91 9.46 -12.07 16.09
N TRP D 92 10.77 -12.19 15.89
CA TRP D 92 11.38 -11.87 14.60
C TRP D 92 11.23 -13.01 13.61
N ASN D 93 11.55 -14.23 14.04
CA ASN D 93 11.41 -15.41 13.20
C ASN D 93 10.89 -16.55 14.05
N TYR D 94 10.00 -17.36 13.46
CA TYR D 94 9.57 -18.58 14.11
C TYR D 94 10.70 -19.60 14.07
N PRO D 95 10.77 -20.51 15.06
CA PRO D 95 9.86 -20.58 16.21
C PRO D 95 10.06 -19.43 17.20
N LEU D 96 8.95 -18.90 17.71
CA LEU D 96 9.04 -17.93 18.80
C LEU D 96 9.76 -18.57 19.98
N THR D 97 10.61 -17.80 20.64
CA THR D 97 11.41 -18.31 21.75
C THR D 97 11.39 -17.32 22.90
N PHE D 98 11.34 -17.85 24.12
CA PHE D 98 11.15 -17.05 25.32
C PHE D 98 12.43 -17.02 26.16
N GLY D 99 12.60 -15.92 26.89
CA GLY D 99 13.63 -15.86 27.90
C GLY D 99 13.28 -16.76 29.08
N GLY D 100 14.28 -16.99 29.93
CA GLY D 100 14.13 -17.90 31.06
C GLY D 100 13.25 -17.37 32.17
N GLY D 101 13.02 -16.06 32.20
CA GLY D 101 12.14 -15.50 33.20
C GLY D 101 12.90 -14.84 34.34
N THR D 102 12.32 -13.77 34.88
CA THR D 102 12.89 -13.03 36.00
C THR D 102 11.81 -12.82 37.04
N LYS D 103 12.01 -13.35 38.23
CA LYS D 103 11.05 -13.16 39.31
C LYS D 103 11.31 -11.83 39.99
N LEU D 104 10.27 -11.02 40.12
CA LEU D 104 10.35 -9.69 40.74
C LEU D 104 9.70 -9.76 42.11
N GLU D 105 10.50 -9.59 43.16
CA GLU D 105 10.00 -9.56 44.53
C GLU D 105 9.76 -8.13 44.95
N ILE D 106 8.61 -7.90 45.59
CA ILE D 106 8.22 -6.57 46.08
C ILE D 106 8.28 -6.62 47.59
N LYS D 107 9.26 -5.90 48.18
CA LYS D 107 9.51 -6.04 49.61
C LYS D 107 8.28 -5.65 50.44
N GLY D 108 7.58 -4.59 50.04
CA GLY D 108 6.29 -4.31 50.65
C GLY D 108 5.38 -5.51 50.48
N GLY D 109 5.16 -5.89 49.22
CA GLY D 109 4.50 -7.14 48.90
C GLY D 109 3.03 -7.14 49.28
N GLY D 110 2.41 -8.30 49.05
CA GLY D 110 1.06 -8.56 49.51
C GLY D 110 -0.06 -8.17 48.57
N GLY D 111 0.24 -7.85 47.31
CA GLY D 111 -0.77 -7.40 46.37
C GLY D 111 -0.85 -8.27 45.14
N SER D 112 -1.88 -8.00 44.33
CA SER D 112 -2.17 -8.74 43.10
C SER D 112 -1.89 -10.23 43.20
NA NA E . 6.54 -14.82 10.36
NA NA F . 8.53 -20.63 33.41
CL CL G . -0.16 -31.93 14.08
CL CL H . -8.49 -30.22 12.13
CL CL I . 3.53 -18.72 10.77
NA NA J . 7.24 9.41 18.25
NA NA K . -13.53 14.69 -24.67
NA NA L . -7.51 13.30 -20.50
NA NA M . 3.70 24.97 -54.13
CL CL N . -5.94 18.76 -38.69
CL CL O . 8.08 9.40 21.44
C1 PEG P . 10.80 30.46 -13.36
O1 PEG P . 11.07 31.06 -12.12
C2 PEG P . 9.48 31.00 -13.92
O2 PEG P . 9.16 30.35 -15.11
C3 PEG P . 9.89 30.79 -16.22
C4 PEG P . 9.28 30.22 -17.50
O4 PEG P . 10.10 30.53 -18.60
H11 PEG P . 10.72 29.50 -13.24
H12 PEG P . 11.51 30.65 -13.98
HO1 PEG P . 11.83 30.79 -11.83
H21 PEG P . 9.56 31.95 -14.08
H22 PEG P . 8.77 30.85 -13.27
H31 PEG P . 10.81 30.49 -16.15
H32 PEG P . 9.87 31.75 -16.26
H41 PEG P . 8.40 30.60 -17.64
H42 PEG P . 9.20 29.25 -17.42
HO4 PEG P . 9.61 30.68 -19.28
C1 EDO Q . -0.68 17.45 -15.84
O1 EDO Q . -0.70 17.54 -14.42
C2 EDO Q . -0.95 16.01 -16.26
O2 EDO Q . 0.05 15.15 -15.70
H11 EDO Q . 0.30 17.77 -16.22
H12 EDO Q . -1.44 18.11 -16.28
HO1 EDO Q . -0.45 18.43 -14.14
H21 EDO Q . -0.93 15.93 -17.35
H22 EDO Q . -1.94 15.70 -15.92
HO2 EDO Q . -0.17 14.23 -15.91
NA NA R . 3.66 2.22 -30.14
NA NA S . -22.26 4.24 -11.37
NA NA T . 7.70 -5.54 1.51
NA NA U . -19.16 -15.84 -8.22
NA NA V . -22.58 2.16 -5.63
NA NA W . -10.26 -16.22 -8.36
NA NA X . -4.10 2.78 -8.58
NA NA Y . -9.58 10.71 -2.11
CL CL Z . 10.71 6.64 -31.89
CL CL AA . -6.03 -17.89 -9.86
CL CL BA . 0.28 7.71 -20.31
CL CL CA . -5.36 -5.37 -27.72
CL CL DA . -0.23 -8.44 -8.36
C1 PEG EA . 4.18 16.08 -25.57
O1 PEG EA . 3.03 15.70 -26.28
C2 PEG EA . 4.29 15.24 -24.30
O2 PEG EA . 3.60 14.04 -24.46
C3 PEG EA . 4.38 13.03 -25.05
C4 PEG EA . 3.47 11.90 -25.54
O4 PEG EA . 2.80 12.31 -26.69
H11 PEG EA . 4.96 15.93 -26.12
H12 PEG EA . 4.13 17.02 -25.34
HO1 PEG EA . 2.39 15.57 -25.74
H21 PEG EA . 5.23 15.06 -24.11
H22 PEG EA . 3.90 15.73 -23.55
H31 PEG EA . 4.88 13.39 -25.79
H32 PEG EA . 5.00 12.68 -24.39
H41 PEG EA . 4.01 11.11 -25.73
H42 PEG EA . 2.82 11.69 -24.85
HO4 PEG EA . 3.16 11.94 -27.37
C1 PEG FA . 4.56 22.59 -43.94
O1 PEG FA . 3.94 23.74 -43.45
C2 PEG FA . 4.71 21.56 -42.81
O2 PEG FA . 5.46 22.11 -41.77
C3 PEG FA . 6.85 22.04 -41.93
C4 PEG FA . 7.55 22.51 -40.67
O4 PEG FA . 8.93 22.48 -40.85
H11 PEG FA . 5.45 22.82 -44.28
H12 PEG FA . 4.04 22.20 -44.66
HO1 PEG FA . 4.14 24.41 -43.94
H21 PEG FA . 3.82 21.32 -42.48
H22 PEG FA . 5.15 20.78 -43.14
H31 PEG FA . 7.10 21.12 -42.12
H32 PEG FA . 7.12 22.60 -42.68
H41 PEG FA . 7.26 23.42 -40.46
H42 PEG FA . 7.30 21.93 -39.93
HO4 PEG FA . 9.32 22.77 -40.14
C1 PEG GA . -12.11 -18.50 -4.44
O1 PEG GA . -11.13 -17.54 -4.11
C2 PEG GA . -13.12 -18.63 -3.31
O2 PEG GA . -14.16 -19.48 -3.70
C3 PEG GA . -14.28 -20.66 -2.96
C4 PEG GA . -13.17 -21.64 -3.37
O4 PEG GA . -13.35 -22.03 -4.70
H11 PEG GA . -11.68 -19.35 -4.59
H12 PEG GA . -12.57 -18.22 -5.26
HO1 PEG GA . -11.41 -17.08 -3.45
H21 PEG GA . -13.48 -17.75 -3.09
H22 PEG GA . -12.68 -19.00 -2.53
H31 PEG GA . -15.14 -21.07 -3.13
H32 PEG GA . -14.19 -20.46 -2.02
H41 PEG GA . -13.21 -22.42 -2.80
H42 PEG GA . -12.31 -21.21 -3.27
HO4 PEG GA . -13.08 -21.41 -5.22
C1 PEG HA . -13.48 -15.85 6.35
O1 PEG HA . -13.99 -14.72 7.00
C2 PEG HA . -14.08 -15.95 4.95
O2 PEG HA . -13.48 -17.02 4.27
C3 PEG HA . -13.66 -17.01 2.87
C4 PEG HA . -15.07 -17.48 2.53
O4 PEG HA . -15.19 -17.64 1.14
H11 PEG HA . -13.70 -16.64 6.86
H12 PEG HA . -12.52 -15.78 6.28
HO1 PEG HA . -13.57 -14.59 7.74
H21 PEG HA . -13.93 -15.12 4.47
H22 PEG HA . -15.04 -16.12 5.02
H31 PEG HA . -13.01 -17.61 2.46
H32 PEG HA . -13.53 -16.11 2.54
H41 PEG HA . -15.24 -18.33 2.96
H42 PEG HA . -15.72 -16.83 2.84
HO4 PEG HA . -15.98 -17.45 0.90
C1 EDO IA . -4.18 5.00 -18.50
O1 EDO IA . -4.92 5.07 -19.73
C2 EDO IA . -3.78 6.40 -18.04
O2 EDO IA . -2.75 6.93 -18.87
H11 EDO IA . -4.79 4.52 -17.73
H12 EDO IA . -3.29 4.39 -18.65
HO1 EDO IA . -5.31 4.21 -19.94
H21 EDO IA . -4.66 7.05 -18.07
H22 EDO IA . -3.43 6.36 -17.01
HO2 EDO IA . -2.50 7.81 -18.56
C1 EDO JA . -4.43 7.26 -7.44
O1 EDO JA . -4.64 8.67 -7.26
C2 EDO JA . -4.13 6.97 -8.90
O2 EDO JA . -3.76 8.17 -9.58
H11 EDO JA . -3.60 6.93 -6.82
H12 EDO JA . -5.32 6.71 -7.13
HO1 EDO JA . -4.83 8.84 -6.33
H21 EDO JA . -3.32 6.24 -8.98
H22 EDO JA . -5.01 6.53 -9.38
HO2 EDO JA . -3.58 7.98 -10.50
NA NA KA . 2.96 1.87 21.33
NA NA LA . 0.04 5.39 31.01
NA NA MA . 21.00 -21.12 18.74
CL CL NA . 19.96 -13.74 39.69
CL CL OA . 9.15 -16.68 10.72
CL CL PA . -4.98 -7.98 26.54
CL CL QA . 15.07 2.77 42.60
C1 EDO RA . -0.25 -4.80 33.81
O1 EDO RA . -0.63 -4.12 32.60
C2 EDO RA . -1.13 -6.03 33.99
O2 EDO RA . -1.08 -6.84 32.80
H11 EDO RA . 0.80 -5.10 33.74
H12 EDO RA . -0.36 -4.14 34.67
HO1 EDO RA . -0.05 -3.35 32.48
H21 EDO RA . -0.79 -6.61 34.84
H22 EDO RA . -2.16 -5.73 34.17
HO2 EDO RA . -1.64 -7.61 32.91
#